data_6AR7
#
_entry.id   6AR7
#
_cell.length_a   48.690
_cell.length_b   77.580
_cell.length_c   80.860
_cell.angle_alpha   65.46
_cell.angle_beta   90.03
_cell.angle_gamma   83.51
#
_symmetry.space_group_name_H-M   'P 1'
#
loop_
_entity.id
_entity.type
_entity.pdbx_description
1 polymer 'Uncharacterized protein'
2 water water
#
_entity_poly.entity_id   1
_entity_poly.type   'polypeptide(L)'
_entity_poly.pdbx_seq_one_letter_code
;(MSE)AHHHHHH(MSE)GTLEAQTQGPGS(MSE)ADPIDVA(MSE)RQCLARRDRSSTAGQIQC(MSE)DEARQQWQGEV
DAAYQRLVKTAPADARRGWQESQRRWLAWRKDEAHLVRAVYETTQGT(MSE)YA(MSE)ASAD(MSE)RLQPVRERALAL
RGAADRYAQPGGGKGAVHRVRPC(MSE)RDAACEHALFD(MSE)NRYYEKLRAR(MSE)PADSRQTLVAAQREWAAFSDA
(MSE)TPLVSEGERVDLIGARVATLKRFSETVNNR
;
_entity_poly.pdbx_strand_id   A,B,C,D
#
# COMPACT_ATOMS: atom_id res chain seq x y z
N ALA A 23 -13.32 -31.43 16.87
CA ALA A 23 -12.17 -30.58 17.13
C ALA A 23 -10.90 -31.23 16.59
N ASP A 24 -9.98 -30.38 16.18
CA ASP A 24 -8.72 -30.88 15.67
C ASP A 24 -7.92 -31.49 16.83
N PRO A 25 -7.23 -32.61 16.59
CA PRO A 25 -6.46 -33.23 17.69
C PRO A 25 -5.48 -32.28 18.36
N ILE A 26 -4.94 -31.30 17.64
CA ILE A 26 -4.02 -30.34 18.25
C ILE A 26 -4.71 -29.54 19.34
N ASP A 27 -5.97 -29.12 19.09
CA ASP A 27 -6.69 -28.32 20.08
C ASP A 27 -7.19 -29.20 21.22
N VAL A 28 -7.59 -30.44 20.92
CA VAL A 28 -7.93 -31.39 21.98
C VAL A 28 -6.73 -31.60 22.90
N ALA A 29 -5.54 -31.78 22.31
CA ALA A 29 -4.34 -32.03 23.10
C ALA A 29 -3.96 -30.81 23.95
N ARG A 31 -5.94 -28.63 25.21
CA ARG A 31 -6.91 -28.66 26.30
C ARG A 31 -6.49 -29.63 27.39
N GLN A 32 -6.13 -30.85 27.00
CA GLN A 32 -5.61 -31.80 27.97
C GLN A 32 -4.31 -31.30 28.59
N CYS A 33 -3.45 -30.68 27.78
CA CYS A 33 -2.19 -30.16 28.32
C CYS A 33 -2.42 -29.10 29.38
N LEU A 34 -3.33 -28.15 29.12
CA LEU A 34 -3.60 -27.06 30.08
C LEU A 34 -4.15 -27.58 31.39
N ALA A 35 -4.70 -28.80 31.39
CA ALA A 35 -5.16 -29.43 32.62
C ALA A 35 -4.08 -30.25 33.34
N ARG A 36 -2.86 -30.32 32.81
CA ARG A 36 -1.84 -31.15 33.44
C ARG A 36 -1.38 -30.58 34.78
N ARG A 37 -1.19 -31.47 35.75
CA ARG A 37 -0.72 -31.00 37.05
CA ARG A 37 -0.67 -31.09 37.07
C ARG A 37 0.64 -30.33 36.94
N ASP A 38 1.50 -30.75 36.02
CA ASP A 38 2.81 -30.13 35.88
C ASP A 38 2.79 -28.94 34.93
N ARG A 39 1.61 -28.46 34.54
CA ARG A 39 1.49 -27.31 33.65
C ARG A 39 0.58 -26.23 34.22
N SER A 40 0.30 -26.26 35.53
CA SER A 40 -0.65 -25.32 36.13
C SER A 40 -0.08 -23.92 36.25
N SER A 41 1.24 -23.78 36.34
CA SER A 41 1.85 -22.45 36.44
C SER A 41 1.62 -21.68 35.15
N THR A 42 1.81 -20.35 35.23
CA THR A 42 1.68 -19.51 34.04
C THR A 42 2.66 -19.92 32.96
N ALA A 43 3.90 -20.23 33.34
CA ALA A 43 4.87 -20.72 32.37
C ALA A 43 4.37 -22.02 31.73
N GLY A 44 3.74 -22.88 32.53
CA GLY A 44 3.22 -24.14 32.00
C GLY A 44 2.05 -23.93 31.04
N GLN A 45 1.15 -23.00 31.36
CA GLN A 45 0.05 -22.73 30.44
C GLN A 45 0.59 -22.22 29.11
N ILE A 46 1.55 -21.29 29.18
CA ILE A 46 2.13 -20.71 27.98
C ILE A 46 2.88 -21.76 27.19
N GLN A 47 3.53 -22.69 27.89
CA GLN A 47 4.21 -23.77 27.20
C GLN A 47 3.22 -24.66 26.46
N CYS A 48 2.07 -24.97 27.06
CA CYS A 48 1.07 -25.73 26.32
C CYS A 48 0.68 -24.99 25.04
N ASP A 50 2.43 -22.74 23.40
CA ASP A 50 3.56 -22.74 22.47
CA ASP A 50 3.57 -22.74 22.48
C ASP A 50 3.70 -24.09 21.76
N GLU A 51 3.45 -25.18 22.47
CA GLU A 51 3.49 -26.50 21.84
C GLU A 51 2.38 -26.65 20.80
N ALA A 52 1.19 -26.14 21.10
CA ALA A 52 0.09 -26.15 20.14
C ALA A 52 0.45 -25.32 18.91
N ARG A 53 1.08 -24.17 19.13
CA ARG A 53 1.45 -23.32 18.01
C ARG A 53 2.44 -24.02 17.09
N GLN A 54 3.43 -24.68 17.66
CA GLN A 54 4.39 -25.42 16.84
C GLN A 54 3.70 -26.54 16.05
N GLN A 55 2.74 -27.23 16.67
CA GLN A 55 2.02 -28.27 15.95
C GLN A 55 1.18 -27.67 14.82
N TRP A 56 0.52 -26.54 15.08
CA TRP A 56 -0.20 -25.86 14.00
C TRP A 56 0.74 -25.43 12.88
N GLN A 57 1.97 -25.02 13.22
CA GLN A 57 2.91 -24.65 12.16
C GLN A 57 3.25 -25.86 11.30
N GLY A 58 3.33 -27.04 11.91
CA GLY A 58 3.50 -28.24 11.10
C GLY A 58 2.33 -28.48 10.17
N GLU A 59 1.12 -28.15 10.62
CA GLU A 59 -0.04 -28.32 9.74
C GLU A 59 -0.06 -27.28 8.64
N VAL A 60 0.45 -26.09 8.91
CA VAL A 60 0.62 -25.10 7.85
C VAL A 60 1.52 -25.66 6.75
N ASP A 61 2.67 -26.20 7.15
CA ASP A 61 3.62 -26.68 6.16
C ASP A 61 3.07 -27.87 5.38
N ALA A 62 2.34 -28.77 6.06
CA ALA A 62 1.80 -29.95 5.40
C ALA A 62 0.64 -29.59 4.48
N ALA A 63 -0.25 -28.71 4.94
CA ALA A 63 -1.37 -28.31 4.10
C ALA A 63 -0.85 -27.54 2.89
N TYR A 64 0.16 -26.69 3.09
CA TYR A 64 0.77 -25.98 1.96
C TYR A 64 1.36 -26.98 0.96
N GLN A 65 1.95 -28.07 1.45
CA GLN A 65 2.55 -29.03 0.53
C GLN A 65 1.49 -29.78 -0.26
N ARG A 66 0.42 -30.25 0.39
CA ARG A 66 -0.69 -30.85 -0.35
C ARG A 66 -1.23 -29.90 -1.42
N LEU A 67 -1.42 -28.64 -1.03
CA LEU A 67 -1.99 -27.64 -1.95
C LEU A 67 -1.13 -27.48 -3.19
N VAL A 68 0.19 -27.38 -3.00
CA VAL A 68 1.09 -27.19 -4.13
C VAL A 68 1.05 -28.40 -5.05
N LYS A 69 0.84 -29.60 -4.49
CA LYS A 69 0.83 -30.80 -5.32
C LYS A 69 -0.51 -31.02 -6.01
N THR A 70 -1.61 -30.52 -5.46
CA THR A 70 -2.92 -30.80 -6.04
C THR A 70 -3.57 -29.65 -6.77
N ALA A 71 -3.13 -28.41 -6.55
CA ALA A 71 -3.88 -27.31 -7.13
C ALA A 71 -3.59 -27.18 -8.61
N PRO A 72 -4.53 -26.63 -9.38
CA PRO A 72 -4.24 -26.26 -10.76
C PRO A 72 -3.17 -25.16 -10.78
N ALA A 73 -2.54 -25.02 -11.94
CA ALA A 73 -1.31 -24.21 -12.03
C ALA A 73 -1.52 -22.77 -11.61
N ASP A 74 -2.62 -22.13 -12.04
CA ASP A 74 -2.86 -20.74 -11.68
C ASP A 74 -3.02 -20.57 -10.17
N ALA A 75 -3.85 -21.40 -9.55
CA ALA A 75 -4.04 -21.33 -8.11
C ALA A 75 -2.76 -21.70 -7.36
N ARG A 76 -2.00 -22.66 -7.89
CA ARG A 76 -0.76 -23.05 -7.22
C ARG A 76 0.19 -21.86 -7.09
N ARG A 77 0.47 -21.19 -8.21
CA ARG A 77 1.35 -20.01 -8.18
C ARG A 77 0.76 -18.92 -7.30
N GLY A 78 -0.56 -18.73 -7.35
CA GLY A 78 -1.21 -17.76 -6.48
C GLY A 78 -1.00 -18.07 -5.01
N TRP A 79 -1.21 -19.33 -4.62
CA TRP A 79 -1.03 -19.68 -3.21
C TRP A 79 0.45 -19.61 -2.82
N GLN A 80 1.34 -20.00 -3.74
CA GLN A 80 2.77 -19.87 -3.45
C GLN A 80 3.12 -18.43 -3.16
N GLU A 81 2.54 -17.51 -3.94
CA GLU A 81 2.75 -16.10 -3.67
C GLU A 81 2.18 -15.71 -2.31
N SER A 82 0.98 -16.20 -1.99
CA SER A 82 0.37 -15.85 -0.70
C SER A 82 1.23 -16.33 0.46
N GLN A 83 1.85 -17.51 0.33
CA GLN A 83 2.65 -18.04 1.42
C GLN A 83 3.94 -17.25 1.59
N ARG A 84 4.57 -16.86 0.48
CA ARG A 84 5.74 -15.99 0.60
C ARG A 84 5.37 -14.70 1.33
N ARG A 85 4.19 -14.14 1.03
CA ARG A 85 3.74 -12.91 1.67
C ARG A 85 3.36 -13.16 3.12
N TRP A 86 2.77 -14.32 3.40
CA TRP A 86 2.39 -14.62 4.77
C TRP A 86 3.62 -14.71 5.66
N LEU A 87 4.64 -15.41 5.18
CA LEU A 87 5.87 -15.58 5.96
C LEU A 87 6.54 -14.24 6.23
N ALA A 88 6.59 -13.36 5.22
CA ALA A 88 7.21 -12.06 5.44
C ALA A 88 6.43 -11.24 6.45
N TRP A 89 5.10 -11.30 6.38
CA TRP A 89 4.30 -10.58 7.38
C TRP A 89 4.56 -11.14 8.78
N ARG A 90 4.53 -12.47 8.93
CA ARG A 90 4.73 -13.07 10.25
C ARG A 90 6.09 -12.65 10.83
N LYS A 91 7.13 -12.57 9.99
CA LYS A 91 8.45 -12.19 10.49
C LYS A 91 8.42 -10.80 11.12
N ASP A 92 7.79 -9.82 10.46
CA ASP A 92 7.78 -8.47 11.03
C ASP A 92 6.69 -8.30 12.08
N GLU A 93 5.59 -9.03 11.98
CA GLU A 93 4.57 -8.94 13.01
C GLU A 93 5.11 -9.37 14.38
N ALA A 94 6.05 -10.32 14.41
CA ALA A 94 6.67 -10.68 15.69
C ALA A 94 7.36 -9.48 16.33
N HIS A 95 7.97 -8.61 15.52
CA HIS A 95 8.58 -7.41 16.07
C HIS A 95 7.52 -6.47 16.64
N LEU A 96 6.36 -6.40 15.98
CA LEU A 96 5.29 -5.55 16.48
C LEU A 96 4.71 -6.11 17.77
N VAL A 97 4.54 -7.43 17.84
CA VAL A 97 4.05 -8.04 19.06
C VAL A 97 4.99 -7.73 20.23
N ARG A 98 6.29 -7.84 20.00
CA ARG A 98 7.24 -7.56 21.08
C ARG A 98 7.20 -6.10 21.49
N ALA A 99 7.17 -5.20 20.52
CA ALA A 99 7.14 -3.77 20.84
C ALA A 99 5.91 -3.42 21.67
N VAL A 100 4.77 -4.03 21.39
CA VAL A 100 3.58 -3.72 22.17
C VAL A 100 3.69 -4.31 23.58
N TYR A 101 4.03 -5.59 23.68
CA TYR A 101 3.93 -6.23 24.98
C TYR A 101 5.14 -5.99 25.89
N GLU A 102 6.25 -5.50 25.37
CA GLU A 102 7.33 -5.13 26.27
C GLU A 102 7.02 -3.86 27.06
N THR A 103 5.94 -3.15 26.73
CA THR A 103 5.53 -2.01 27.54
C THR A 103 4.53 -2.39 28.62
N THR A 104 4.22 -3.69 28.77
CA THR A 104 3.25 -4.24 29.70
C THR A 104 3.94 -5.01 30.81
N GLN A 105 3.16 -5.31 31.86
CA GLN A 105 3.59 -6.18 32.95
C GLN A 105 2.44 -7.06 33.43
N GLY A 106 2.76 -8.28 33.78
CA GLY A 106 1.78 -9.14 34.41
C GLY A 106 1.42 -10.32 33.55
N THR A 107 0.97 -11.39 34.20
CA THR A 107 0.73 -12.62 33.46
C THR A 107 -0.53 -12.54 32.60
N TYR A 109 -1.14 -10.14 30.53
CA TYR A 109 -0.58 -9.74 29.25
C TYR A 109 0.33 -10.83 28.67
N ALA A 110 1.07 -11.56 29.52
CA ALA A 110 1.89 -12.64 28.97
C ALA A 110 1.02 -13.69 28.28
N ALA A 112 -2.06 -13.14 26.93
CA ALA A 112 -2.61 -12.56 25.71
C ALA A 112 -1.57 -12.60 24.60
N SER A 113 -0.32 -12.31 24.95
CA SER A 113 0.75 -12.33 23.95
C SER A 113 0.92 -13.73 23.38
N ALA A 114 0.91 -14.75 24.24
CA ALA A 114 1.03 -16.12 23.77
C ALA A 114 -0.12 -16.50 22.84
N ASP A 115 -1.36 -16.13 23.19
CA ASP A 115 -2.48 -16.41 22.30
C ASP A 115 -2.36 -15.63 21.00
N ARG A 117 0.34 -15.15 19.40
CA ARG A 117 1.27 -15.90 18.58
CA ARG A 117 1.26 -15.89 18.56
C ARG A 117 0.65 -17.19 18.05
N LEU A 118 -0.26 -17.78 18.82
CA LEU A 118 -0.87 -19.07 18.46
C LEU A 118 -1.92 -18.92 17.36
N GLN A 119 -2.90 -18.04 17.54
CA GLN A 119 -4.07 -18.04 16.66
C GLN A 119 -3.77 -17.80 15.18
N PRO A 120 -2.83 -16.93 14.78
CA PRO A 120 -2.62 -16.74 13.34
C PRO A 120 -2.04 -17.96 12.67
N VAL A 121 -1.25 -18.76 13.40
CA VAL A 121 -0.71 -19.98 12.82
C VAL A 121 -1.83 -20.98 12.61
N ARG A 122 -2.65 -21.18 13.64
CA ARG A 122 -3.85 -21.98 13.50
C ARG A 122 -4.70 -21.52 12.32
N GLU A 123 -4.97 -20.21 12.24
CA GLU A 123 -5.77 -19.65 11.16
C GLU A 123 -5.16 -19.96 9.78
N ARG A 124 -3.85 -19.77 9.64
CA ARG A 124 -3.24 -20.03 8.34
C ARG A 124 -3.37 -21.49 7.96
N ALA A 125 -3.21 -22.40 8.92
CA ALA A 125 -3.35 -23.82 8.65
C ALA A 125 -4.74 -24.17 8.13
N LEU A 126 -5.78 -23.63 8.76
CA LEU A 126 -7.14 -23.97 8.39
C LEU A 126 -7.49 -23.46 7.00
N ALA A 127 -6.99 -22.27 6.64
CA ALA A 127 -7.22 -21.73 5.31
C ALA A 127 -6.55 -22.58 4.25
N LEU A 128 -5.30 -22.98 4.50
CA LEU A 128 -4.60 -23.84 3.54
C LEU A 128 -5.30 -25.17 3.41
N ARG A 129 -5.76 -25.72 4.54
CA ARG A 129 -6.48 -26.99 4.52
C ARG A 129 -7.75 -26.88 3.71
N GLY A 130 -8.52 -25.81 3.93
CA GLY A 130 -9.76 -25.65 3.20
C GLY A 130 -9.54 -25.59 1.69
N ALA A 131 -8.50 -24.88 1.25
CA ALA A 131 -8.20 -24.81 -0.17
C ALA A 131 -7.76 -26.17 -0.69
N ALA A 132 -6.80 -26.81 -0.02
CA ALA A 132 -6.30 -28.08 -0.50
C ALA A 132 -7.41 -29.13 -0.57
N ASP A 133 -8.36 -29.08 0.37
CA ASP A 133 -9.48 -30.02 0.32
C ASP A 133 -10.39 -29.70 -0.86
N ARG A 134 -10.61 -28.42 -1.13
CA ARG A 134 -11.50 -28.08 -2.22
CA ARG A 134 -11.50 -28.06 -2.23
C ARG A 134 -10.86 -28.38 -3.58
N TYR A 135 -9.55 -28.19 -3.71
CA TYR A 135 -8.88 -28.56 -4.96
C TYR A 135 -8.77 -30.07 -5.15
N ALA A 136 -8.88 -30.86 -4.09
CA ALA A 136 -8.63 -32.29 -4.17
C ALA A 136 -9.81 -33.06 -4.78
N GLN A 137 -11.01 -32.53 -4.69
CA GLN A 137 -12.21 -33.21 -5.16
C GLN A 137 -12.48 -32.90 -6.63
N PRO A 138 -13.32 -33.71 -7.28
CA PRO A 138 -13.65 -33.43 -8.69
C PRO A 138 -14.34 -32.08 -8.85
N GLY A 139 -13.93 -31.35 -9.89
CA GLY A 139 -14.56 -30.10 -10.26
C GLY A 139 -14.01 -28.89 -9.54
N GLY A 140 -13.77 -29.03 -8.24
CA GLY A 140 -13.48 -27.89 -7.38
C GLY A 140 -12.27 -27.06 -7.79
N GLY A 141 -11.33 -27.66 -8.54
CA GLY A 141 -10.19 -26.89 -9.02
C GLY A 141 -10.59 -25.74 -9.92
N LYS A 142 -11.75 -25.85 -10.58
CA LYS A 142 -12.23 -24.82 -11.50
C LYS A 142 -12.59 -23.55 -10.76
N GLY A 143 -12.37 -22.42 -11.42
CA GLY A 143 -12.63 -21.11 -10.83
C GLY A 143 -11.78 -20.82 -9.62
N ALA A 144 -10.64 -21.48 -9.49
CA ALA A 144 -9.80 -21.32 -8.31
C ALA A 144 -9.30 -19.88 -8.19
N VAL A 145 -8.93 -19.26 -9.31
CA VAL A 145 -8.47 -17.87 -9.35
C VAL A 145 -9.57 -17.04 -10.00
N HIS A 146 -9.92 -15.92 -9.36
CA HIS A 146 -10.95 -15.03 -9.87
C HIS A 146 -10.44 -13.60 -9.86
N ARG A 147 -11.17 -12.74 -10.57
CA ARG A 147 -10.80 -11.34 -10.69
C ARG A 147 -11.01 -10.59 -9.37
N VAL A 148 -10.21 -9.55 -9.17
CA VAL A 148 -10.23 -8.78 -7.94
C VAL A 148 -11.15 -7.57 -8.14
N ARG A 149 -12.27 -7.58 -7.48
CA ARG A 149 -13.11 -6.39 -7.47
C ARG A 149 -12.65 -5.47 -6.36
N PRO A 150 -12.78 -4.16 -6.56
CA PRO A 150 -12.38 -3.21 -5.51
C PRO A 150 -13.16 -3.44 -4.22
N CYS A 151 -12.45 -3.31 -3.10
CA CYS A 151 -13.06 -3.50 -1.79
C CYS A 151 -14.27 -2.60 -1.59
N ARG A 153 -16.70 -1.83 -3.50
CA ARG A 153 -17.98 -2.31 -4.03
C ARG A 153 -18.76 -3.07 -2.96
N ASP A 154 -18.08 -3.61 -1.97
CA ASP A 154 -18.68 -4.48 -0.98
C ASP A 154 -18.72 -3.72 0.35
N ALA A 155 -19.93 -3.33 0.79
CA ALA A 155 -20.06 -2.63 2.07
C ALA A 155 -19.42 -3.39 3.22
N ALA A 156 -19.45 -4.73 3.20
CA ALA A 156 -18.79 -5.50 4.27
C ALA A 156 -17.28 -5.26 4.27
N CYS A 157 -16.67 -5.27 3.08
CA CYS A 157 -15.24 -5.02 2.95
C CYS A 157 -14.90 -3.59 3.33
N GLU A 158 -15.71 -2.63 2.87
CA GLU A 158 -15.49 -1.24 3.17
C GLU A 158 -15.58 -0.95 4.66
N HIS A 159 -16.57 -1.54 5.34
CA HIS A 159 -16.70 -1.32 6.78
C HIS A 159 -15.51 -1.91 7.54
N ALA A 160 -15.06 -3.11 7.14
CA ALA A 160 -13.93 -3.73 7.83
C ALA A 160 -12.66 -2.93 7.62
N LEU A 161 -12.45 -2.45 6.38
CA LEU A 161 -11.31 -1.59 6.09
C LEU A 161 -11.38 -0.30 6.90
N PHE A 162 -12.56 0.29 7.00
CA PHE A 162 -12.72 1.51 7.77
C PHE A 162 -12.31 1.30 9.23
N ASP A 163 -12.77 0.19 9.83
CA ASP A 163 -12.40 -0.12 11.21
C ASP A 163 -10.91 -0.37 11.36
N ASN A 165 -8.35 0.81 9.60
CA ASN A 165 -7.56 2.03 9.57
C ASN A 165 -7.82 2.88 10.80
N ARG A 166 -9.05 2.82 11.33
CA ARG A 166 -9.37 3.51 12.58
C ARG A 166 -8.53 2.98 13.73
N TYR A 167 -8.51 1.67 13.92
CA TYR A 167 -7.69 1.12 15.00
C TYR A 167 -6.21 1.24 14.69
N TYR A 168 -5.82 1.16 13.42
CA TYR A 168 -4.41 1.37 13.07
C TYR A 168 -3.94 2.75 13.52
N GLU A 169 -4.74 3.77 13.26
CA GLU A 169 -4.35 5.13 13.63
C GLU A 169 -4.37 5.32 15.15
N LYS A 170 -5.38 4.77 15.83
CA LYS A 170 -5.41 4.83 17.29
C LYS A 170 -4.19 4.14 17.89
N LEU A 171 -3.80 2.96 17.35
CA LEU A 171 -2.61 2.27 17.85
C LEU A 171 -1.35 3.07 17.58
N ARG A 172 -1.20 3.56 16.34
CA ARG A 172 0.00 4.29 16.00
C ARG A 172 0.20 5.48 16.93
N ALA A 173 -0.88 6.18 17.28
CA ALA A 173 -0.76 7.34 18.14
C ALA A 173 -0.42 6.96 19.58
N ARG A 174 -0.85 5.78 20.05
CA ARG A 174 -0.60 5.41 21.43
C ARG A 174 0.74 4.72 21.64
N PRO A 176 4.95 4.16 21.62
CA PRO A 176 6.21 4.92 21.71
C PRO A 176 6.79 5.17 20.33
N ALA A 177 7.29 6.39 20.14
CA ALA A 177 7.81 6.84 18.85
C ALA A 177 8.85 5.90 18.27
N ASP A 178 9.61 5.20 19.12
CA ASP A 178 10.65 4.31 18.62
C ASP A 178 10.07 3.16 17.80
N SER A 179 8.95 2.59 18.24
CA SER A 179 8.41 1.38 17.62
C SER A 179 7.42 1.64 16.49
N ARG A 180 7.03 2.90 16.24
CA ARG A 180 6.03 3.16 15.21
C ARG A 180 6.44 2.57 13.87
N GLN A 181 7.74 2.51 13.58
CA GLN A 181 8.15 1.97 12.30
C GLN A 181 7.87 0.47 12.22
N THR A 182 7.85 -0.23 13.36
CA THR A 182 7.52 -1.65 13.34
C THR A 182 6.05 -1.88 13.04
N LEU A 183 5.16 -0.98 13.48
CA LEU A 183 3.76 -1.08 13.08
C LEU A 183 3.61 -0.80 11.59
N VAL A 184 4.27 0.27 11.10
CA VAL A 184 4.21 0.58 9.67
C VAL A 184 4.68 -0.61 8.85
N ALA A 185 5.82 -1.18 9.22
CA ALA A 185 6.39 -2.29 8.45
C ALA A 185 5.49 -3.53 8.52
N ALA A 186 5.02 -3.89 9.72
CA ALA A 186 4.18 -5.08 9.84
C ALA A 186 2.89 -4.92 9.05
N GLN A 187 2.26 -3.75 9.14
CA GLN A 187 0.98 -3.53 8.48
C GLN A 187 1.13 -3.55 6.96
N ARG A 188 2.22 -2.98 6.46
CA ARG A 188 2.47 -3.00 5.02
C ARG A 188 2.59 -4.44 4.52
N GLU A 189 3.29 -5.30 5.27
CA GLU A 189 3.41 -6.65 4.76
C GLU A 189 2.12 -7.44 4.98
N TRP A 190 1.36 -7.11 6.02
CA TRP A 190 0.04 -7.72 6.13
C TRP A 190 -0.82 -7.40 4.91
N ALA A 191 -0.81 -6.12 4.47
CA ALA A 191 -1.66 -5.73 3.35
C ALA A 191 -1.22 -6.40 2.06
N ALA A 192 0.08 -6.55 1.85
CA ALA A 192 0.57 -7.29 0.70
C ALA A 192 0.14 -8.77 0.78
N PHE A 193 0.14 -9.35 1.99
CA PHE A 193 -0.41 -10.70 2.14
C PHE A 193 -1.89 -10.73 1.80
N SER A 194 -2.65 -9.78 2.37
CA SER A 194 -4.07 -9.68 2.08
C SER A 194 -4.32 -9.60 0.58
N ASP A 195 -3.56 -8.75 -0.12
CA ASP A 195 -3.76 -8.63 -1.56
C ASP A 195 -3.50 -9.96 -2.27
N ALA A 196 -2.49 -10.70 -1.83
CA ALA A 196 -2.16 -11.95 -2.52
C ALA A 196 -3.30 -12.95 -2.41
N THR A 198 -6.74 -12.17 -2.06
CA THR A 198 -8.01 -11.78 -2.66
C THR A 198 -8.42 -12.61 -3.88
N PRO A 199 -7.53 -12.93 -4.84
CA PRO A 199 -7.97 -13.73 -5.99
C PRO A 199 -8.25 -15.18 -5.65
N LEU A 200 -7.83 -15.68 -4.48
CA LEU A 200 -7.85 -17.09 -4.14
C LEU A 200 -8.97 -17.49 -3.20
N VAL A 201 -9.65 -16.55 -2.55
CA VAL A 201 -10.66 -16.87 -1.56
C VAL A 201 -11.95 -16.10 -1.88
N SER A 202 -13.03 -16.52 -1.24
CA SER A 202 -14.33 -15.89 -1.45
C SER A 202 -14.34 -14.47 -0.91
N GLU A 203 -15.34 -13.70 -1.34
CA GLU A 203 -15.49 -12.35 -0.81
C GLU A 203 -15.68 -12.38 0.69
N GLY A 204 -16.42 -13.36 1.20
CA GLY A 204 -16.61 -13.46 2.64
C GLY A 204 -15.31 -13.69 3.40
N GLU A 205 -14.45 -14.56 2.87
CA GLU A 205 -13.15 -14.79 3.50
C GLU A 205 -12.25 -13.57 3.36
N ARG A 206 -12.36 -12.84 2.26
CA ARG A 206 -11.64 -11.58 2.13
C ARG A 206 -12.02 -10.62 3.26
N VAL A 207 -13.32 -10.49 3.51
CA VAL A 207 -13.78 -9.65 4.62
C VAL A 207 -13.25 -10.16 5.96
N ASP A 208 -13.26 -11.48 6.17
CA ASP A 208 -12.83 -12.02 7.46
C ASP A 208 -11.32 -11.85 7.68
N LEU A 209 -10.52 -11.89 6.61
CA LEU A 209 -9.11 -11.56 6.74
C LEU A 209 -8.94 -10.16 7.31
N ILE A 210 -9.69 -9.19 6.78
CA ILE A 210 -9.60 -7.81 7.31
C ILE A 210 -10.13 -7.77 8.73
N GLY A 211 -11.28 -8.41 8.99
CA GLY A 211 -11.85 -8.38 10.33
C GLY A 211 -10.90 -8.95 11.36
N ALA A 212 -10.15 -10.00 10.98
CA ALA A 212 -9.15 -10.56 11.90
C ALA A 212 -8.05 -9.55 12.19
N ARG A 213 -7.59 -8.81 11.17
CA ARG A 213 -6.60 -7.78 11.41
C ARG A 213 -7.18 -6.64 12.26
N VAL A 214 -8.46 -6.29 12.05
CA VAL A 214 -9.09 -5.28 12.91
C VAL A 214 -8.97 -5.68 14.38
N ALA A 215 -9.29 -6.93 14.69
CA ALA A 215 -9.27 -7.40 16.08
C ALA A 215 -7.87 -7.34 16.68
N THR A 216 -6.86 -7.72 15.90
CA THR A 216 -5.48 -7.62 16.39
C THR A 216 -5.12 -6.17 16.71
N LEU A 217 -5.37 -5.25 15.77
CA LEU A 217 -5.00 -3.85 15.98
C LEU A 217 -5.77 -3.25 17.13
N LYS A 218 -7.04 -3.65 17.31
CA LYS A 218 -7.84 -3.13 18.41
C LYS A 218 -7.26 -3.57 19.74
N ARG A 219 -6.90 -4.84 19.85
CA ARG A 219 -6.30 -5.33 21.08
C ARG A 219 -4.99 -4.63 21.35
N PHE A 220 -4.16 -4.44 20.32
CA PHE A 220 -2.92 -3.69 20.49
C PHE A 220 -3.21 -2.31 21.04
N SER A 221 -4.21 -1.62 20.46
CA SER A 221 -4.49 -0.25 20.86
C SER A 221 -4.92 -0.18 22.31
N GLU A 222 -5.53 -1.24 22.83
CA GLU A 222 -5.94 -1.31 24.22
C GLU A 222 -4.84 -1.81 25.13
N THR A 223 -3.73 -2.25 24.57
CA THR A 223 -2.67 -2.87 25.33
C THR A 223 -1.42 -2.00 25.45
N VAL A 224 -0.99 -1.37 24.35
CA VAL A 224 0.28 -0.67 24.36
C VAL A 224 0.21 0.46 25.38
N ASN A 225 1.35 0.68 26.05
CA ASN A 225 1.50 1.68 27.10
C ASN A 225 2.66 2.59 26.72
N ASN A 226 2.36 3.85 26.44
CA ASN A 226 3.39 4.82 26.06
C ASN A 226 4.12 5.34 27.29
N SER B 21 27.35 -0.73 -30.76
CA SER B 21 26.09 -0.21 -30.24
C SER B 21 25.33 0.62 -31.29
N ALA B 23 21.84 1.47 -33.78
CA ALA B 23 20.42 1.56 -33.51
C ALA B 23 19.71 0.29 -33.99
N ASP B 24 18.67 -0.10 -33.26
CA ASP B 24 17.91 -1.27 -33.65
C ASP B 24 17.18 -0.98 -34.97
N PRO B 25 17.10 -1.95 -35.88
CA PRO B 25 16.43 -1.67 -37.16
C PRO B 25 15.01 -1.15 -37.00
N ILE B 26 14.29 -1.53 -35.94
CA ILE B 26 12.95 -1.00 -35.73
C ILE B 26 12.98 0.51 -35.51
N ASP B 27 13.94 1.00 -34.72
CA ASP B 27 14.03 2.43 -34.46
C ASP B 27 14.52 3.17 -35.69
N VAL B 28 15.44 2.57 -36.44
CA VAL B 28 15.89 3.18 -37.69
C VAL B 28 14.72 3.32 -38.65
N ALA B 29 13.91 2.25 -38.81
CA ALA B 29 12.79 2.30 -39.74
C ALA B 29 11.75 3.34 -39.32
N ARG B 31 12.31 6.09 -37.67
CA ARG B 31 12.93 7.36 -38.04
C ARG B 31 12.67 7.68 -39.51
N GLN B 32 12.94 6.71 -40.39
CA GLN B 32 12.66 6.91 -41.81
C GLN B 32 11.17 7.08 -42.05
N CYS B 33 10.33 6.34 -41.30
CA CYS B 33 8.88 6.43 -41.50
C CYS B 33 8.37 7.84 -41.20
N LEU B 34 8.83 8.44 -40.10
CA LEU B 34 8.39 9.78 -39.68
C LEU B 34 8.78 10.84 -40.68
N ALA B 35 9.75 10.57 -41.54
CA ALA B 35 10.13 11.49 -42.60
C ALA B 35 9.38 11.26 -43.90
N ARG B 36 8.49 10.26 -43.98
CA ARG B 36 7.80 10.00 -45.24
C ARG B 36 6.84 11.13 -45.60
N ARG B 37 6.76 11.45 -46.89
CA ARG B 37 5.84 12.49 -47.34
CA ARG B 37 5.84 12.47 -47.38
C ARG B 37 4.40 12.15 -46.99
N ASP B 38 4.03 10.88 -47.06
CA ASP B 38 2.66 10.46 -46.78
C ASP B 38 2.41 10.20 -45.30
N ARG B 39 3.34 10.57 -44.41
CA ARG B 39 3.16 10.38 -42.98
C ARG B 39 3.37 11.67 -42.20
N SER B 40 3.38 12.81 -42.90
CA SER B 40 3.70 14.09 -42.26
C SER B 40 2.60 14.57 -41.32
N SER B 41 1.36 14.17 -41.55
CA SER B 41 0.26 14.57 -40.67
C SER B 41 0.43 13.94 -39.30
N THR B 42 -0.31 14.49 -38.32
CA THR B 42 -0.28 13.95 -36.97
C THR B 42 -0.69 12.49 -36.95
N ALA B 43 -1.77 12.14 -37.66
CA ALA B 43 -2.18 10.74 -37.75
C ALA B 43 -1.08 9.89 -38.36
N GLY B 44 -0.38 10.43 -39.36
CA GLY B 44 0.70 9.68 -39.98
C GLY B 44 1.87 9.47 -39.03
N GLN B 45 2.21 10.50 -38.25
CA GLN B 45 3.29 10.34 -37.28
C GLN B 45 2.92 9.28 -36.25
N ILE B 46 1.69 9.35 -35.73
CA ILE B 46 1.25 8.39 -34.72
C ILE B 46 1.24 6.99 -35.32
N GLN B 47 0.87 6.89 -36.60
CA GLN B 47 0.86 5.59 -37.24
C GLN B 47 2.27 5.01 -37.34
N CYS B 48 3.27 5.84 -37.66
CA CYS B 48 4.65 5.34 -37.62
C CYS B 48 5.01 4.77 -36.25
N ASP B 50 2.91 3.64 -33.95
CA ASP B 50 2.15 2.43 -33.73
CA ASP B 50 2.12 2.44 -33.77
C ASP B 50 2.74 1.26 -34.50
N GLU B 51 3.29 1.50 -35.69
CA GLU B 51 3.93 0.41 -36.44
C GLU B 51 5.19 -0.06 -35.71
N ALA B 52 5.96 0.89 -35.16
CA ALA B 52 7.14 0.55 -34.37
C ALA B 52 6.74 -0.26 -33.14
N ARG B 53 5.65 0.15 -32.48
CA ARG B 53 5.19 -0.57 -31.31
C ARG B 53 4.85 -2.01 -31.65
N GLN B 54 4.15 -2.22 -32.76
CA GLN B 54 3.80 -3.58 -33.17
C GLN B 54 5.05 -4.39 -33.45
N GLN B 55 6.06 -3.78 -34.08
CA GLN B 55 7.30 -4.49 -34.31
C GLN B 55 8.00 -4.80 -32.99
N TRP B 56 8.04 -3.83 -32.09
CA TRP B 56 8.63 -4.12 -30.79
C TRP B 56 7.87 -5.23 -30.06
N GLN B 57 6.55 -5.31 -30.25
CA GLN B 57 5.80 -6.38 -29.60
C GLN B 57 6.20 -7.74 -30.15
N GLY B 58 6.50 -7.82 -31.44
CA GLY B 58 7.02 -9.06 -31.99
C GLY B 58 8.37 -9.42 -31.40
N GLU B 59 9.19 -8.41 -31.13
CA GLU B 59 10.48 -8.70 -30.52
C GLU B 59 10.33 -9.12 -29.07
N VAL B 60 9.30 -8.61 -28.39
CA VAL B 60 9.00 -9.10 -27.05
C VAL B 60 8.74 -10.60 -27.10
N ASP B 61 7.88 -11.03 -28.04
CA ASP B 61 7.50 -12.44 -28.13
C ASP B 61 8.66 -13.32 -28.54
N ALA B 62 9.52 -12.85 -29.45
CA ALA B 62 10.63 -13.67 -29.89
C ALA B 62 11.70 -13.79 -28.81
N ALA B 63 12.03 -12.69 -28.15
CA ALA B 63 13.02 -12.73 -27.07
C ALA B 63 12.51 -13.58 -25.91
N TYR B 64 11.22 -13.45 -25.58
CA TYR B 64 10.64 -14.29 -24.54
C TYR B 64 10.73 -15.77 -24.94
N GLN B 65 10.56 -16.06 -26.24
CA GLN B 65 10.65 -17.46 -26.68
C GLN B 65 12.08 -17.97 -26.61
N ARG B 66 13.05 -17.18 -27.07
CA ARG B 66 14.45 -17.57 -26.90
C ARG B 66 14.75 -17.86 -25.44
N LEU B 67 14.34 -16.95 -24.57
CA LEU B 67 14.65 -17.07 -23.15
C LEU B 67 14.06 -18.34 -22.55
N VAL B 68 12.81 -18.65 -22.88
CA VAL B 68 12.17 -19.84 -22.31
C VAL B 68 12.90 -21.10 -22.77
N LYS B 69 13.48 -21.08 -23.97
CA LYS B 69 14.20 -22.25 -24.47
C LYS B 69 15.62 -22.35 -23.92
N THR B 70 16.27 -21.23 -23.58
CA THR B 70 17.68 -21.30 -23.19
C THR B 70 17.95 -21.10 -21.69
N ALA B 71 16.99 -20.62 -20.92
CA ALA B 71 17.29 -20.30 -19.53
C ALA B 71 17.33 -21.57 -18.68
N PRO B 72 18.08 -21.54 -17.57
CA PRO B 72 17.99 -22.63 -16.59
C PRO B 72 16.59 -22.67 -15.99
N ALA B 73 16.26 -23.81 -15.39
CA ALA B 73 14.88 -24.09 -15.00
C ALA B 73 14.33 -23.05 -14.03
N ASP B 74 15.10 -22.71 -12.99
CA ASP B 74 14.63 -21.73 -12.01
C ASP B 74 14.42 -20.36 -12.66
N ALA B 75 15.39 -19.92 -13.47
CA ALA B 75 15.23 -18.64 -14.15
C ALA B 75 14.09 -18.70 -15.15
N ARG B 76 13.91 -19.86 -15.80
CA ARG B 76 12.81 -19.97 -16.77
C ARG B 76 11.47 -19.69 -16.10
N ARG B 77 11.20 -20.39 -14.99
CA ARG B 77 9.92 -20.21 -14.29
C ARG B 77 9.73 -18.79 -13.81
N GLY B 78 10.79 -18.16 -13.28
CA GLY B 78 10.69 -16.78 -12.86
C GLY B 78 10.33 -15.86 -14.01
N TRP B 79 11.01 -16.00 -15.14
CA TRP B 79 10.73 -15.12 -16.27
C TRP B 79 9.33 -15.37 -16.81
N GLN B 80 8.89 -16.64 -16.80
CA GLN B 80 7.53 -16.96 -17.22
C GLN B 80 6.51 -16.24 -16.35
N GLU B 81 6.72 -16.25 -15.03
CA GLU B 81 5.81 -15.52 -14.14
C GLU B 81 5.90 -14.01 -14.37
N SER B 82 7.11 -13.48 -14.56
CA SER B 82 7.23 -12.04 -14.84
C SER B 82 6.46 -11.67 -16.10
N GLN B 83 6.47 -12.54 -17.11
CA GLN B 83 5.78 -12.23 -18.35
C GLN B 83 4.28 -12.30 -18.19
N ARG B 84 3.78 -13.30 -17.45
CA ARG B 84 2.36 -13.32 -17.16
C ARG B 84 1.95 -12.04 -16.44
N ARG B 85 2.76 -11.59 -15.48
CA ARG B 85 2.43 -10.38 -14.73
C ARG B 85 2.62 -9.14 -15.60
N TRP B 86 3.62 -9.13 -16.47
CA TRP B 86 3.79 -8.00 -17.38
C TRP B 86 2.56 -7.82 -18.26
N LEU B 87 2.08 -8.92 -18.84
CA LEU B 87 0.90 -8.86 -19.68
C LEU B 87 -0.32 -8.40 -18.90
N ALA B 88 -0.49 -8.87 -17.67
CA ALA B 88 -1.63 -8.43 -16.86
C ALA B 88 -1.53 -6.94 -16.58
N TRP B 89 -0.33 -6.45 -16.29
CA TRP B 89 -0.16 -5.01 -16.07
C TRP B 89 -0.51 -4.23 -17.32
N ARG B 90 0.03 -4.65 -18.48
CA ARG B 90 -0.21 -3.90 -19.72
C ARG B 90 -1.69 -3.78 -20.03
N LYS B 91 -2.46 -4.85 -19.78
CA LYS B 91 -3.89 -4.80 -20.06
C LYS B 91 -4.57 -3.71 -19.25
N ASP B 92 -4.26 -3.61 -17.95
CA ASP B 92 -4.94 -2.60 -17.14
C ASP B 92 -4.31 -1.21 -17.30
N GLU B 93 -3.02 -1.13 -17.63
CA GLU B 93 -2.40 0.16 -17.87
C GLU B 93 -3.04 0.85 -19.07
N ALA B 94 -3.50 0.11 -20.07
CA ALA B 94 -4.19 0.74 -21.19
C ALA B 94 -5.44 1.48 -20.72
N HIS B 95 -6.12 0.94 -19.70
CA HIS B 95 -7.28 1.64 -19.15
C HIS B 95 -6.85 2.92 -18.46
N LEU B 96 -5.72 2.90 -17.76
CA LEU B 96 -5.27 4.11 -17.08
C LEU B 96 -4.84 5.15 -18.10
N VAL B 97 -4.13 4.71 -19.15
CA VAL B 97 -3.71 5.65 -20.18
C VAL B 97 -4.93 6.31 -20.81
N ARG B 98 -5.94 5.52 -21.12
CA ARG B 98 -7.17 6.08 -21.69
C ARG B 98 -7.86 7.03 -20.71
N ALA B 99 -7.91 6.66 -19.42
CA ALA B 99 -8.57 7.52 -18.44
C ALA B 99 -7.85 8.87 -18.31
N VAL B 100 -6.52 8.87 -18.40
CA VAL B 100 -5.78 10.12 -18.29
C VAL B 100 -5.97 10.98 -19.54
N TYR B 101 -5.74 10.39 -20.72
CA TYR B 101 -5.71 11.24 -21.90
C TYR B 101 -7.08 11.61 -22.44
N GLU B 102 -8.16 10.91 -22.03
CA GLU B 102 -9.50 11.35 -22.37
CA GLU B 102 -9.47 11.39 -22.43
C GLU B 102 -9.83 12.73 -21.79
N THR B 103 -9.10 13.16 -20.78
CA THR B 103 -9.34 14.49 -20.21
C THR B 103 -8.56 15.58 -20.93
N THR B 104 -7.84 15.25 -21.98
CA THR B 104 -6.99 16.19 -22.70
C THR B 104 -7.54 16.48 -24.09
N GLN B 105 -7.01 17.54 -24.71
CA GLN B 105 -7.35 17.88 -26.09
C GLN B 105 -6.11 18.39 -26.77
N GLY B 106 -5.94 18.03 -28.04
CA GLY B 106 -4.87 18.54 -28.86
C GLY B 106 -3.86 17.46 -29.23
N THR B 107 -3.16 17.68 -30.35
CA THR B 107 -2.24 16.68 -30.85
C THR B 107 -0.95 16.56 -30.03
N TYR B 109 -0.87 16.21 -26.79
CA TYR B 109 -1.25 15.11 -25.92
C TYR B 109 -1.45 13.82 -26.70
N ALA B 110 -1.98 13.90 -27.94
CA ALA B 110 -2.12 12.70 -28.75
C ALA B 110 -0.75 12.04 -29.02
N ALA B 112 1.97 12.42 -27.08
CA ALA B 112 2.46 11.89 -25.81
C ALA B 112 1.84 10.54 -25.49
N SER B 113 0.54 10.40 -25.73
CA SER B 113 -0.18 9.15 -25.50
C SER B 113 0.39 8.03 -26.37
N ALA B 114 0.67 8.33 -27.64
CA ALA B 114 1.28 7.37 -28.53
C ALA B 114 2.67 6.95 -28.03
N ASP B 115 3.47 7.91 -27.58
CA ASP B 115 4.78 7.55 -27.07
C ASP B 115 4.67 6.70 -25.80
N ARG B 117 2.42 4.40 -25.31
CA ARG B 117 2.11 3.04 -25.71
C ARG B 117 3.32 2.34 -26.26
N LEU B 118 4.21 3.09 -26.91
CA LEU B 118 5.39 2.55 -27.59
C LEU B 118 6.51 2.18 -26.61
N GLN B 119 6.92 3.11 -25.75
CA GLN B 119 8.14 2.92 -25.00
C GLN B 119 8.14 1.69 -24.09
N PRO B 120 7.04 1.35 -23.39
CA PRO B 120 7.12 0.20 -22.47
C PRO B 120 7.29 -1.09 -23.21
N VAL B 121 6.77 -1.18 -24.43
CA VAL B 121 6.92 -2.37 -25.25
C VAL B 121 8.37 -2.52 -25.70
N ARG B 122 8.95 -1.43 -26.20
CA ARG B 122 10.38 -1.40 -26.51
C ARG B 122 11.22 -1.79 -25.30
N GLU B 123 10.95 -1.17 -24.14
CA GLU B 123 11.69 -1.49 -22.91
C GLU B 123 11.56 -2.98 -22.56
N ARG B 124 10.36 -3.55 -22.66
CA ARG B 124 10.23 -4.96 -22.32
C ARG B 124 11.06 -5.83 -23.26
N ALA B 125 11.05 -5.51 -24.56
CA ALA B 125 11.86 -6.29 -25.50
C ALA B 125 13.34 -6.25 -25.14
N LEU B 126 13.85 -5.08 -24.80
CA LEU B 126 15.28 -4.96 -24.56
C LEU B 126 15.68 -5.72 -23.30
N ALA B 127 14.81 -5.70 -22.29
CA ALA B 127 15.08 -6.44 -21.07
C ALA B 127 15.10 -7.93 -21.34
N LEU B 128 14.12 -8.43 -22.10
CA LEU B 128 14.10 -9.85 -22.43
C LEU B 128 15.31 -10.25 -23.27
N ARG B 129 15.70 -9.40 -24.21
CA ARG B 129 16.87 -9.69 -25.05
C ARG B 129 18.14 -9.78 -24.21
N GLY B 130 18.36 -8.81 -23.31
CA GLY B 130 19.57 -8.82 -22.51
C GLY B 130 19.70 -10.09 -21.69
N ALA B 131 18.60 -10.54 -21.10
CA ALA B 131 18.62 -11.78 -20.34
C ALA B 131 18.91 -12.97 -21.25
N ALA B 132 18.17 -13.11 -22.34
CA ALA B 132 18.38 -14.25 -23.23
C ALA B 132 19.81 -14.27 -23.78
N ASP B 133 20.40 -13.09 -24.02
CA ASP B 133 21.79 -13.04 -24.45
C ASP B 133 22.73 -13.45 -23.33
N ARG B 134 22.37 -13.12 -22.09
CA ARG B 134 23.16 -13.55 -20.94
C ARG B 134 23.16 -15.06 -20.82
N TYR B 135 21.98 -15.68 -20.92
CA TYR B 135 21.83 -17.13 -20.74
C TYR B 135 22.40 -17.91 -21.92
N ALA B 136 22.58 -17.28 -23.08
CA ALA B 136 23.02 -18.00 -24.26
C ALA B 136 24.51 -18.27 -24.29
N GLN B 137 25.30 -17.47 -23.57
CA GLN B 137 26.76 -17.62 -23.60
C GLN B 137 27.23 -18.62 -22.56
N PRO B 138 28.49 -19.05 -22.63
CA PRO B 138 29.04 -19.96 -21.61
C PRO B 138 28.85 -19.46 -20.19
N GLY B 139 28.35 -20.35 -19.33
CA GLY B 139 28.24 -20.08 -17.91
C GLY B 139 27.23 -19.00 -17.55
N GLY B 140 26.50 -18.50 -18.54
CA GLY B 140 25.56 -17.41 -18.29
C GLY B 140 24.48 -17.77 -17.29
N GLY B 141 24.16 -19.06 -17.17
CA GLY B 141 23.10 -19.52 -16.30
C GLY B 141 23.38 -19.32 -14.82
N LYS B 142 24.65 -19.24 -14.42
CA LYS B 142 24.98 -19.16 -13.00
C LYS B 142 24.47 -17.85 -12.41
N GLY B 143 24.01 -17.93 -11.16
CA GLY B 143 23.46 -16.77 -10.48
C GLY B 143 22.23 -16.19 -11.16
N ALA B 144 21.53 -16.98 -11.96
CA ALA B 144 20.39 -16.46 -12.72
C ALA B 144 19.31 -15.92 -11.80
N VAL B 145 19.02 -16.64 -10.72
CA VAL B 145 18.10 -16.22 -9.68
C VAL B 145 18.93 -15.92 -8.45
N HIS B 146 18.68 -14.76 -7.83
CA HIS B 146 19.44 -14.38 -6.66
C HIS B 146 18.49 -13.95 -5.55
N ARG B 147 19.01 -13.88 -4.33
CA ARG B 147 18.19 -13.50 -3.19
C ARG B 147 17.79 -12.03 -3.30
N VAL B 148 16.59 -11.74 -2.82
CA VAL B 148 16.00 -10.40 -2.89
C VAL B 148 16.20 -9.74 -1.53
N ARG B 149 16.98 -8.70 -1.52
CA ARG B 149 17.15 -7.85 -0.35
C ARG B 149 16.10 -6.75 -0.34
N PRO B 150 15.66 -6.31 0.83
CA PRO B 150 14.63 -5.26 0.89
C PRO B 150 15.07 -4.00 0.15
N CYS B 151 14.10 -3.36 -0.50
CA CYS B 151 14.36 -2.11 -1.21
C CYS B 151 14.99 -1.08 -0.28
N ARG B 153 17.23 -1.28 1.83
CA ARG B 153 18.68 -1.39 2.02
C ARG B 153 19.45 -0.47 1.09
N ASP B 154 18.90 -0.20 -0.08
CA ASP B 154 19.59 0.51 -1.14
C ASP B 154 18.97 1.90 -1.23
N ALA B 155 19.75 2.93 -0.87
CA ALA B 155 19.24 4.30 -0.97
C ALA B 155 18.72 4.61 -2.38
N ALA B 156 19.34 4.03 -3.42
CA ALA B 156 18.82 4.24 -4.78
C ALA B 156 17.41 3.71 -4.92
N CYS B 157 17.15 2.51 -4.37
CA CYS B 157 15.82 1.93 -4.44
C CYS B 157 14.83 2.72 -3.59
N GLU B 158 15.23 3.08 -2.36
CA GLU B 158 14.32 3.81 -1.49
CA GLU B 158 14.35 3.84 -1.46
C GLU B 158 13.96 5.18 -2.06
N HIS B 159 14.93 5.89 -2.65
CA HIS B 159 14.62 7.20 -3.23
C HIS B 159 13.68 7.09 -4.42
N ALA B 160 13.86 6.08 -5.27
CA ALA B 160 12.95 5.95 -6.42
C ALA B 160 11.54 5.57 -5.94
N LEU B 161 11.47 4.68 -4.94
CA LEU B 161 10.19 4.30 -4.35
C LEU B 161 9.51 5.49 -3.71
N PHE B 162 10.27 6.33 -3.01
CA PHE B 162 9.71 7.53 -2.41
C PHE B 162 9.11 8.44 -3.47
N ASP B 163 9.84 8.66 -4.57
CA ASP B 163 9.33 9.51 -5.65
C ASP B 163 8.10 8.89 -6.29
N ASN B 165 5.75 6.91 -4.99
CA ASN B 165 4.54 7.05 -4.18
C ASN B 165 4.10 8.51 -4.11
N ARG B 166 5.05 9.44 -4.13
CA ARG B 166 4.72 10.85 -4.19
C ARG B 166 3.94 11.18 -5.47
N TYR B 167 4.47 10.81 -6.62
CA TYR B 167 3.72 11.11 -7.84
C TYR B 167 2.46 10.26 -7.94
N TYR B 168 2.48 9.04 -7.38
CA TYR B 168 1.26 8.24 -7.37
C TYR B 168 0.13 8.98 -6.67
N GLU B 169 0.44 9.57 -5.51
CA GLU B 169 -0.59 10.27 -4.75
C GLU B 169 -1.00 11.57 -5.43
N LYS B 170 -0.03 12.31 -5.97
CA LYS B 170 -0.38 13.52 -6.71
C LYS B 170 -1.31 13.20 -7.88
N LEU B 171 -1.03 12.14 -8.64
CA LEU B 171 -1.91 11.75 -9.73
C LEU B 171 -3.27 11.35 -9.21
N ARG B 172 -3.30 10.51 -8.17
CA ARG B 172 -4.58 10.01 -7.67
C ARG B 172 -5.49 11.16 -7.27
N ALA B 173 -4.94 12.20 -6.65
CA ALA B 173 -5.78 13.32 -6.22
C ALA B 173 -6.32 14.11 -7.41
N ARG B 174 -5.56 14.18 -8.50
CA ARG B 174 -5.94 15.00 -9.65
C ARG B 174 -6.86 14.30 -10.63
N PRO B 176 -10.22 12.33 -12.15
CA PRO B 176 -11.65 12.21 -11.86
C PRO B 176 -11.89 11.01 -10.95
N ALA B 177 -12.68 11.22 -9.90
CA ALA B 177 -12.87 10.21 -8.88
C ALA B 177 -13.32 8.87 -9.46
N ASP B 178 -14.17 8.91 -10.48
CA ASP B 178 -14.68 7.69 -11.09
C ASP B 178 -13.58 6.87 -11.77
N SER B 179 -12.48 7.51 -12.16
CA SER B 179 -11.35 6.87 -12.82
C SER B 179 -10.26 6.39 -11.87
N ARG B 180 -10.34 6.75 -10.59
CA ARG B 180 -9.25 6.43 -9.67
C ARG B 180 -8.97 4.94 -9.57
N GLN B 181 -9.98 4.09 -9.73
CA GLN B 181 -9.76 2.66 -9.60
C GLN B 181 -8.89 2.12 -10.72
N THR B 182 -8.94 2.74 -11.90
CA THR B 182 -8.05 2.25 -12.95
C THR B 182 -6.59 2.50 -12.58
N LEU B 183 -6.31 3.59 -11.85
CA LEU B 183 -4.95 3.81 -11.37
C LEU B 183 -4.58 2.79 -10.31
N VAL B 184 -5.46 2.55 -9.35
CA VAL B 184 -5.20 1.59 -8.29
C VAL B 184 -4.88 0.22 -8.88
N ALA B 185 -5.72 -0.25 -9.81
CA ALA B 185 -5.54 -1.59 -10.37
C ALA B 185 -4.27 -1.67 -11.23
N ALA B 186 -4.04 -0.67 -12.09
CA ALA B 186 -2.83 -0.70 -12.91
C ALA B 186 -1.58 -0.67 -12.05
N GLN B 187 -1.59 0.15 -10.99
CA GLN B 187 -0.39 0.26 -10.16
C GLN B 187 -0.13 -1.03 -9.37
N ARG B 188 -1.19 -1.66 -8.88
CA ARG B 188 -1.02 -2.93 -8.17
C ARG B 188 -0.38 -3.96 -9.08
N GLU B 189 -0.83 -4.02 -10.33
CA GLU B 189 -0.30 -5.02 -11.25
C GLU B 189 1.08 -4.64 -11.75
N TRP B 190 1.36 -3.35 -11.87
CA TRP B 190 2.74 -2.98 -12.13
C TRP B 190 3.64 -3.47 -10.99
N ALA B 191 3.19 -3.29 -9.74
CA ALA B 191 4.02 -3.69 -8.60
C ALA B 191 4.22 -5.20 -8.53
N ALA B 192 3.21 -5.99 -8.90
CA ALA B 192 3.41 -7.44 -8.95
C ALA B 192 4.40 -7.82 -10.05
N PHE B 193 4.35 -7.16 -11.19
CA PHE B 193 5.34 -7.39 -12.22
C PHE B 193 6.73 -7.03 -11.72
N SER B 194 6.88 -5.84 -11.14
CA SER B 194 8.18 -5.43 -10.60
C SER B 194 8.72 -6.44 -9.60
N ASP B 195 7.87 -6.87 -8.64
CA ASP B 195 8.34 -7.85 -7.66
C ASP B 195 8.77 -9.14 -8.35
N ALA B 196 8.07 -9.53 -9.41
CA ALA B 196 8.45 -10.77 -10.09
C ALA B 196 9.84 -10.66 -10.72
N THR B 198 12.45 -8.74 -9.57
CA THR B 198 13.54 -8.48 -8.64
C THR B 198 14.55 -9.61 -8.50
N PRO B 199 14.17 -10.89 -8.41
CA PRO B 199 15.19 -11.96 -8.34
C PRO B 199 15.94 -12.19 -9.63
N LEU B 200 15.48 -11.63 -10.76
CA LEU B 200 16.01 -11.98 -12.07
C LEU B 200 16.96 -10.96 -12.65
N VAL B 201 17.03 -9.74 -12.11
CA VAL B 201 17.84 -8.68 -12.68
C VAL B 201 18.73 -8.06 -11.59
N SER B 202 19.70 -7.26 -12.03
CA SER B 202 20.60 -6.60 -11.10
C SER B 202 19.85 -5.57 -10.27
N GLU B 203 20.49 -5.15 -9.16
CA GLU B 203 19.93 -4.09 -8.33
C GLU B 203 19.75 -2.81 -9.14
N GLY B 204 20.70 -2.50 -10.02
CA GLY B 204 20.57 -1.30 -10.84
C GLY B 204 19.36 -1.36 -11.74
N GLU B 205 19.10 -2.52 -12.33
CA GLU B 205 17.91 -2.69 -13.17
C GLU B 205 16.64 -2.64 -12.35
N ARG B 206 16.68 -3.16 -11.13
CA ARG B 206 15.56 -3.03 -10.20
C ARG B 206 15.22 -1.56 -9.95
N VAL B 207 16.25 -0.74 -9.70
CA VAL B 207 16.07 0.69 -9.51
C VAL B 207 15.47 1.34 -10.75
N ASP B 208 15.97 0.96 -11.93
CA ASP B 208 15.53 1.58 -13.18
C ASP B 208 14.08 1.23 -13.50
N LEU B 209 13.63 0.03 -13.13
CA LEU B 209 12.21 -0.29 -13.23
C LEU B 209 11.37 0.70 -12.45
N ILE B 210 11.78 1.00 -11.21
CA ILE B 210 11.01 1.96 -10.43
C ILE B 210 11.10 3.34 -11.06
N GLY B 211 12.31 3.75 -11.45
CA GLY B 211 12.47 5.10 -12.00
C GLY B 211 11.65 5.29 -13.26
N ALA B 212 11.53 4.24 -14.08
CA ALA B 212 10.67 4.33 -15.25
C ALA B 212 9.22 4.50 -14.85
N ARG B 213 8.77 3.79 -13.81
CA ARG B 213 7.39 4.00 -13.36
C ARG B 213 7.21 5.41 -12.77
N VAL B 214 8.23 5.93 -12.07
CA VAL B 214 8.17 7.31 -11.57
C VAL B 214 7.87 8.27 -12.71
N ALA B 215 8.61 8.12 -13.82
CA ALA B 215 8.45 9.04 -14.94
C ALA B 215 7.05 8.97 -15.55
N THR B 216 6.48 7.77 -15.65
CA THR B 216 5.11 7.63 -16.14
C THR B 216 4.10 8.34 -15.21
N LEU B 217 4.19 8.07 -13.92
CA LEU B 217 3.23 8.66 -12.98
C LEU B 217 3.39 10.17 -12.91
N LYS B 218 4.63 10.65 -13.02
CA LYS B 218 4.87 12.09 -13.04
C LYS B 218 4.23 12.72 -14.26
N ARG B 219 4.45 12.14 -15.43
CA ARG B 219 3.85 12.69 -16.63
C ARG B 219 2.32 12.64 -16.53
N PHE B 220 1.77 11.51 -16.07
CA PHE B 220 0.33 11.44 -15.83
C PHE B 220 -0.14 12.58 -14.94
N SER B 221 0.58 12.81 -13.83
CA SER B 221 0.16 13.82 -12.88
C SER B 221 0.18 15.22 -13.50
N GLU B 222 1.02 15.45 -14.50
CA GLU B 222 1.07 16.74 -15.17
C GLU B 222 0.10 16.84 -16.33
N THR B 223 -0.60 15.76 -16.66
CA THR B 223 -1.46 15.68 -17.82
C THR B 223 -2.93 15.64 -17.48
N VAL B 224 -3.31 14.85 -16.48
CA VAL B 224 -4.73 14.64 -16.22
C VAL B 224 -5.37 15.97 -15.83
N ASN B 225 -6.59 16.17 -16.31
CA ASN B 225 -7.33 17.40 -16.07
C ASN B 225 -8.66 17.01 -15.45
N ASN B 226 -8.86 17.37 -14.17
CA ASN B 226 -10.09 17.06 -13.49
C ASN B 226 -11.17 18.06 -13.89
N SER C 21 -0.57 21.79 -4.48
CA SER C 21 -1.75 20.97 -4.69
C SER C 21 -2.48 21.34 -5.99
N ALA C 23 -3.00 23.20 -9.74
CA ALA C 23 -2.12 23.41 -10.88
C ALA C 23 -1.72 24.89 -11.00
N ASP C 24 -0.50 25.11 -11.44
CA ASP C 24 -0.05 26.48 -11.64
C ASP C 24 -0.85 27.12 -12.78
N PRO C 25 -1.22 28.40 -12.66
CA PRO C 25 -2.01 29.05 -13.74
C PRO C 25 -1.37 28.97 -15.12
N ILE C 26 -0.04 28.94 -15.22
CA ILE C 26 0.62 28.81 -16.53
C ILE C 26 0.27 27.47 -17.17
N ASP C 27 0.27 26.38 -16.39
CA ASP C 27 -0.03 25.07 -16.98
C ASP C 27 -1.51 24.95 -17.31
N VAL C 28 -2.37 25.54 -16.48
CA VAL C 28 -3.81 25.57 -16.77
C VAL C 28 -4.05 26.30 -18.10
N ALA C 29 -3.42 27.46 -18.27
CA ALA C 29 -3.60 28.25 -19.48
C ALA C 29 -3.04 27.51 -20.70
N ARG C 31 -2.92 24.22 -21.12
CA ARG C 31 -3.96 23.23 -21.42
C ARG C 31 -5.11 23.84 -22.23
N GLN C 32 -5.62 24.98 -21.77
CA GLN C 32 -6.69 25.64 -22.51
C GLN C 32 -6.22 26.08 -23.89
N CYS C 33 -4.99 26.59 -23.98
CA CYS C 33 -4.45 27.05 -25.26
C CYS C 33 -4.36 25.90 -26.26
N LEU C 34 -3.89 24.72 -25.81
CA LEU C 34 -3.75 23.56 -26.70
C LEU C 34 -5.06 23.09 -27.25
N ALA C 35 -6.18 23.40 -26.60
CA ALA C 35 -7.48 23.05 -27.13
C ALA C 35 -8.07 24.12 -28.04
N ARG C 36 -7.37 25.23 -28.29
CA ARG C 36 -7.97 26.29 -29.10
C ARG C 36 -8.14 25.87 -30.55
N ARG C 37 -9.30 26.22 -31.12
CA ARG C 37 -9.58 25.95 -32.53
C ARG C 37 -8.49 26.53 -33.42
N ASP C 38 -7.93 27.68 -33.06
CA ASP C 38 -6.91 28.31 -33.89
C ASP C 38 -5.49 27.87 -33.53
N ARG C 39 -5.36 26.84 -32.69
CA ARG C 39 -4.04 26.33 -32.31
C ARG C 39 -3.94 24.82 -32.54
N SER C 40 -4.87 24.26 -33.31
CA SER C 40 -4.92 22.81 -33.49
C SER C 40 -3.75 22.30 -34.35
N SER C 41 -3.21 23.15 -35.22
CA SER C 41 -2.09 22.72 -36.04
C SER C 41 -0.87 22.46 -35.16
N THR C 42 0.11 21.74 -35.74
CA THR C 42 1.36 21.47 -35.02
C THR C 42 2.08 22.77 -34.65
N ALA C 43 2.14 23.73 -35.57
CA ALA C 43 2.73 25.02 -35.25
C ALA C 43 1.99 25.69 -34.09
N GLY C 44 0.65 25.55 -34.07
CA GLY C 44 -0.13 26.14 -32.98
C GLY C 44 0.12 25.46 -31.64
N GLN C 45 0.26 24.13 -31.63
CA GLN C 45 0.57 23.43 -30.40
C GLN C 45 1.91 23.88 -29.85
N ILE C 46 2.90 24.00 -30.74
CA ILE C 46 4.24 24.44 -30.35
C ILE C 46 4.21 25.87 -29.87
N GLN C 47 3.37 26.71 -30.48
CA GLN C 47 3.27 28.08 -30.01
C GLN C 47 2.70 28.12 -28.60
N CYS C 48 1.69 27.29 -28.30
CA CYS C 48 1.18 27.23 -26.93
C CYS C 48 2.28 26.89 -25.95
N ASP C 50 5.52 27.26 -26.40
CA ASP C 50 6.49 28.35 -26.32
CA ASP C 50 6.48 28.36 -26.36
C ASP C 50 5.97 29.52 -25.49
N GLU C 51 4.66 29.77 -25.50
CA GLU C 51 4.11 30.83 -24.66
C GLU C 51 4.18 30.43 -23.18
N ALA C 52 3.94 29.16 -22.89
CA ALA C 52 4.09 28.67 -21.52
C ALA C 52 5.53 28.81 -21.07
N ARG C 53 6.49 28.49 -21.95
CA ARG C 53 7.90 28.59 -21.61
C ARG C 53 8.29 30.02 -21.30
N GLN C 54 7.79 30.96 -22.09
CA GLN C 54 8.05 32.37 -21.82
C GLN C 54 7.46 32.79 -20.48
N GLN C 55 6.27 32.30 -20.16
CA GLN C 55 5.69 32.64 -18.88
C GLN C 55 6.47 32.02 -17.73
N TRP C 56 6.91 30.77 -17.87
CA TRP C 56 7.72 30.13 -16.85
C TRP C 56 9.05 30.85 -16.64
N GLN C 57 9.63 31.38 -17.72
CA GLN C 57 10.87 32.16 -17.57
C GLN C 57 10.62 33.43 -16.75
N GLY C 58 9.45 34.03 -16.90
CA GLY C 58 9.10 35.15 -16.04
C GLY C 58 9.01 34.74 -14.59
N GLU C 59 8.55 33.51 -14.33
CA GLU C 59 8.48 33.01 -12.97
C GLU C 59 9.85 32.64 -12.42
N VAL C 60 10.77 32.21 -13.27
CA VAL C 60 12.16 32.04 -12.85
C VAL C 60 12.69 33.37 -12.34
N ASP C 61 12.49 34.43 -13.13
CA ASP C 61 13.02 35.74 -12.77
C ASP C 61 12.38 36.28 -11.51
N ALA C 62 11.08 36.07 -11.34
CA ALA C 62 10.42 36.59 -10.14
C ALA C 62 10.82 35.79 -8.90
N ALA C 63 10.87 34.46 -9.01
CA ALA C 63 11.27 33.64 -7.88
C ALA C 63 12.71 33.91 -7.50
N TYR C 64 13.58 34.08 -8.50
CA TYR C 64 14.97 34.42 -8.21
C TYR C 64 15.05 35.73 -7.44
N GLN C 65 14.18 36.69 -7.77
CA GLN C 65 14.21 37.97 -7.08
C GLN C 65 13.72 37.87 -5.64
N ARG C 66 12.62 37.14 -5.41
CA ARG C 66 12.20 36.87 -4.04
C ARG C 66 13.33 36.25 -3.25
N LEU C 67 13.96 35.24 -3.85
CA LEU C 67 15.03 34.52 -3.18
C LEU C 67 16.19 35.45 -2.86
N VAL C 68 16.56 36.31 -3.80
CA VAL C 68 17.70 37.20 -3.58
C VAL C 68 17.40 38.16 -2.43
N LYS C 69 16.15 38.59 -2.31
CA LYS C 69 15.81 39.56 -1.27
C LYS C 69 15.57 38.91 0.09
N THR C 70 15.13 37.66 0.13
CA THR C 70 14.76 37.05 1.41
C THR C 70 15.78 36.05 1.94
N ALA C 71 16.73 35.63 1.12
CA ALA C 71 17.62 34.58 1.61
C ALA C 71 18.65 35.15 2.58
N PRO C 72 19.13 34.31 3.51
CA PRO C 72 20.28 34.71 4.32
C PRO C 72 21.53 34.91 3.46
N ALA C 73 22.49 35.62 4.04
CA ALA C 73 23.65 36.13 3.29
C ALA C 73 24.45 35.01 2.65
N ASP C 74 24.72 33.94 3.42
CA ASP C 74 25.49 32.82 2.87
C ASP C 74 24.74 32.18 1.70
N ALA C 75 23.45 31.94 1.90
CA ALA C 75 22.66 31.32 0.86
C ALA C 75 22.50 32.22 -0.36
N ARG C 76 22.42 33.53 -0.16
CA ARG C 76 22.21 34.43 -1.30
C ARG C 76 23.33 34.31 -2.32
N ARG C 77 24.58 34.44 -1.87
CA ARG C 77 25.70 34.35 -2.79
C ARG C 77 25.71 33.01 -3.51
N GLY C 78 25.41 31.92 -2.80
CA GLY C 78 25.32 30.61 -3.43
C GLY C 78 24.26 30.55 -4.52
N TRP C 79 23.06 31.06 -4.22
CA TRP C 79 21.99 31.00 -5.22
C TRP C 79 22.31 31.90 -6.41
N GLN C 80 22.90 33.08 -6.15
CA GLN C 80 23.30 33.97 -7.22
C GLN C 80 24.30 33.30 -8.16
N GLU C 81 25.27 32.58 -7.60
CA GLU C 81 26.20 31.83 -8.44
C GLU C 81 25.49 30.73 -9.21
N SER C 82 24.59 30.00 -8.54
CA SER C 82 23.87 28.92 -9.23
C SER C 82 23.07 29.47 -10.41
N GLN C 83 22.52 30.68 -10.27
CA GLN C 83 21.72 31.24 -11.35
C GLN C 83 22.58 31.69 -12.51
N ARG C 84 23.73 32.29 -12.23
CA ARG C 84 24.65 32.60 -13.31
C ARG C 84 25.10 31.34 -14.03
N ARG C 85 25.38 30.28 -13.27
CA ARG C 85 25.74 29.02 -13.92
CA ARG C 85 25.73 29.01 -13.90
C ARG C 85 24.57 28.43 -14.68
N TRP C 86 23.35 28.52 -14.12
CA TRP C 86 22.18 27.99 -14.83
C TRP C 86 22.00 28.66 -16.18
N LEU C 87 22.08 30.00 -16.20
CA LEU C 87 21.91 30.74 -17.45
C LEU C 87 23.01 30.41 -18.46
N ALA C 88 24.25 30.27 -18.00
CA ALA C 88 25.33 29.91 -18.92
C ALA C 88 25.10 28.53 -19.52
N TRP C 89 24.61 27.59 -18.71
CA TRP C 89 24.28 26.27 -19.25
C TRP C 89 23.14 26.37 -20.26
N ARG C 90 22.07 27.11 -19.95
CA ARG C 90 20.94 27.20 -20.87
C ARG C 90 21.37 27.74 -22.22
N LYS C 91 22.29 28.71 -22.24
CA LYS C 91 22.79 29.27 -23.49
C LYS C 91 23.46 28.20 -24.35
N ASP C 92 24.33 27.39 -23.74
CA ASP C 92 25.01 26.38 -24.54
C ASP C 92 24.14 25.15 -24.77
N GLU C 93 23.21 24.86 -23.86
CA GLU C 93 22.30 23.75 -24.10
C GLU C 93 21.44 23.98 -25.34
N ALA C 94 21.11 25.24 -25.65
CA ALA C 94 20.36 25.53 -26.88
C ALA C 94 21.11 25.07 -28.12
N HIS C 95 22.44 25.20 -28.12
CA HIS C 95 23.23 24.73 -29.26
C HIS C 95 23.18 23.21 -29.36
N LEU C 96 23.16 22.51 -28.22
CA LEU C 96 23.13 21.05 -28.27
C LEU C 96 21.76 20.57 -28.74
N VAL C 97 20.68 21.20 -28.26
CA VAL C 97 19.34 20.84 -28.72
C VAL C 97 19.22 21.00 -30.22
N ARG C 98 19.73 22.12 -30.76
CA ARG C 98 19.67 22.33 -32.20
C ARG C 98 20.51 21.28 -32.94
N ALA C 99 21.71 21.00 -32.46
CA ALA C 99 22.55 20.00 -33.13
C ALA C 99 21.90 18.62 -33.13
N VAL C 100 21.18 18.27 -32.06
CA VAL C 100 20.52 16.98 -32.03
C VAL C 100 19.33 16.96 -32.99
N TYR C 101 18.44 17.95 -32.88
CA TYR C 101 17.18 17.85 -33.62
C TYR C 101 17.27 18.25 -35.08
N GLU C 102 18.31 18.96 -35.49
CA GLU C 102 18.46 19.26 -36.91
C GLU C 102 18.75 18.00 -37.72
N THR C 103 19.16 16.91 -37.08
CA THR C 103 19.32 15.64 -37.78
C THR C 103 18.02 14.85 -37.90
N THR C 104 16.90 15.41 -37.44
CA THR C 104 15.60 14.75 -37.40
C THR C 104 14.64 15.38 -38.41
N GLN C 105 13.54 14.67 -38.66
CA GLN C 105 12.45 15.16 -39.50
C GLN C 105 11.11 14.71 -38.92
N GLY C 106 10.11 15.55 -39.01
CA GLY C 106 8.76 15.20 -38.65
C GLY C 106 8.29 15.91 -37.39
N THR C 107 6.98 16.05 -37.27
CA THR C 107 6.43 16.83 -36.16
C THR C 107 6.52 16.12 -34.81
N TYR C 109 9.26 14.82 -33.66
CA TYR C 109 10.51 15.34 -33.13
C TYR C 109 10.39 16.85 -32.86
N ALA C 110 9.69 17.59 -33.72
CA ALA C 110 9.51 19.02 -33.44
C ALA C 110 8.77 19.23 -32.12
N ALA C 112 8.80 17.07 -29.54
CA ALA C 112 9.75 16.69 -28.51
C ALA C 112 10.73 17.81 -28.23
N SER C 113 11.21 18.46 -29.30
CA SER C 113 12.14 19.57 -29.15
C SER C 113 11.50 20.71 -28.35
N ALA C 114 10.26 21.04 -28.67
CA ALA C 114 9.55 22.10 -27.95
C ALA C 114 9.41 21.75 -26.47
N ASP C 115 9.10 20.50 -26.16
CA ASP C 115 8.99 20.12 -24.76
C ASP C 115 10.36 20.18 -24.08
N ARG C 117 12.60 22.40 -24.58
CA ARG C 117 12.86 23.80 -24.25
C ARG C 117 11.99 24.28 -23.10
N LEU C 118 10.78 23.74 -22.97
CA LEU C 118 9.82 24.14 -21.95
C LEU C 118 10.18 23.62 -20.56
N GLN C 119 10.41 22.31 -20.43
CA GLN C 119 10.48 21.69 -19.10
C GLN C 119 11.61 22.22 -18.22
N PRO C 120 12.83 22.48 -18.71
CA PRO C 120 13.89 22.96 -17.80
C PRO C 120 13.61 24.32 -17.22
N VAL C 121 12.90 25.17 -17.96
CA VAL C 121 12.57 26.49 -17.46
C VAL C 121 11.56 26.36 -16.33
N ARG C 122 10.52 25.56 -16.58
CA ARG C 122 9.55 25.23 -15.55
C ARG C 122 10.24 24.66 -14.31
N GLU C 123 11.12 23.68 -14.51
CA GLU C 123 11.84 23.06 -13.40
C GLU C 123 12.65 24.08 -12.60
N ARG C 124 13.35 24.97 -13.30
CA ARG C 124 14.13 25.97 -12.57
C ARG C 124 13.23 26.86 -11.74
N ALA C 125 12.08 27.27 -12.29
CA ALA C 125 11.15 28.12 -11.53
C ALA C 125 10.63 27.43 -10.29
N LEU C 126 10.26 26.16 -10.41
CA LEU C 126 9.73 25.46 -9.24
C LEU C 126 10.79 25.32 -8.16
N ALA C 127 12.04 25.06 -8.56
CA ALA C 127 13.12 24.97 -7.58
C ALA C 127 13.37 26.33 -6.91
N LEU C 128 13.41 27.41 -7.68
CA LEU C 128 13.62 28.72 -7.05
C LEU C 128 12.48 29.05 -6.09
N ARG C 129 11.24 28.70 -6.47
CA ARG C 129 10.09 28.95 -5.61
C ARG C 129 10.20 28.17 -4.31
N GLY C 130 10.55 26.89 -4.40
CA GLY C 130 10.64 26.09 -3.19
C GLY C 130 11.65 26.67 -2.21
N ALA C 131 12.80 27.11 -2.72
CA ALA C 131 13.80 27.69 -1.84
C ALA C 131 13.30 28.98 -1.20
N ALA C 132 12.80 29.92 -2.02
CA ALA C 132 12.32 31.19 -1.48
C ALA C 132 11.19 30.97 -0.49
N ASP C 133 10.37 29.94 -0.69
CA ASP C 133 9.32 29.64 0.26
C ASP C 133 9.90 29.12 1.58
N ARG C 134 10.97 28.32 1.50
CA ARG C 134 11.62 27.82 2.72
C ARG C 134 12.22 28.97 3.52
N TYR C 135 12.93 29.87 2.86
CA TYR C 135 13.59 30.97 3.55
C TYR C 135 12.60 32.01 4.07
N ALA C 136 11.38 32.05 3.53
CA ALA C 136 10.44 33.10 3.89
C ALA C 136 9.79 32.84 5.23
N GLN C 137 9.71 31.60 5.66
CA GLN C 137 9.08 31.32 6.94
C GLN C 137 10.10 31.42 8.05
N PRO C 138 9.66 31.66 9.29
CA PRO C 138 10.59 31.64 10.41
C PRO C 138 11.31 30.29 10.50
N GLY C 139 12.60 30.35 10.81
CA GLY C 139 13.42 29.17 10.99
C GLY C 139 14.04 28.62 9.72
N GLY C 140 13.41 28.86 8.56
CA GLY C 140 13.89 28.27 7.32
C GLY C 140 15.26 28.76 6.87
N GLY C 141 15.68 29.94 7.32
CA GLY C 141 16.97 30.45 6.93
C GLY C 141 18.14 29.69 7.56
N LYS C 142 17.91 29.10 8.74
CA LYS C 142 18.96 28.34 9.40
C LYS C 142 19.27 27.06 8.64
N GLY C 143 20.54 26.66 8.66
CA GLY C 143 20.98 25.49 7.92
C GLY C 143 20.80 25.59 6.43
N ALA C 144 20.75 26.81 5.89
CA ALA C 144 20.50 27.01 4.46
C ALA C 144 21.61 26.40 3.61
N VAL C 145 22.87 26.59 4.04
CA VAL C 145 24.03 26.02 3.36
C VAL C 145 24.59 24.92 4.24
N HIS C 146 24.86 23.76 3.65
CA HIS C 146 25.38 22.61 4.37
C HIS C 146 26.58 22.03 3.64
N ARG C 147 27.32 21.18 4.36
CA ARG C 147 28.51 20.56 3.79
C ARG C 147 28.09 19.54 2.74
N VAL C 148 28.94 19.38 1.73
CA VAL C 148 28.68 18.50 0.61
C VAL C 148 29.38 17.17 0.87
N ARG C 149 28.60 16.12 1.07
CA ARG C 149 29.20 14.79 1.17
C ARG C 149 29.43 14.23 -0.23
N PRO C 150 30.46 13.41 -0.41
CA PRO C 150 30.72 12.86 -1.74
C PRO C 150 29.53 12.10 -2.29
N CYS C 151 29.32 12.23 -3.60
CA CYS C 151 28.20 11.54 -4.23
C CYS C 151 28.25 10.03 -3.99
N ARG C 153 28.86 8.32 -1.38
CA ARG C 153 28.32 7.84 -0.10
C ARG C 153 26.87 7.41 -0.26
N ASP C 154 26.16 8.00 -1.22
CA ASP C 154 24.72 7.83 -1.38
C ASP C 154 24.49 7.00 -2.64
N ALA C 155 24.03 5.77 -2.46
CA ALA C 155 23.80 4.88 -3.60
C ALA C 155 22.87 5.49 -4.65
N ALA C 156 21.86 6.27 -4.21
CA ALA C 156 21.00 6.94 -5.17
C ALA C 156 21.79 7.93 -6.02
N CYS C 157 22.69 8.68 -5.40
CA CYS C 157 23.51 9.62 -6.16
C CYS C 157 24.46 8.87 -7.09
N GLU C 158 25.08 7.79 -6.61
CA GLU C 158 26.09 7.09 -7.41
C GLU C 158 25.46 6.42 -8.62
N HIS C 159 24.30 5.80 -8.45
CA HIS C 159 23.59 5.16 -9.58
C HIS C 159 23.21 6.19 -10.64
N ALA C 160 22.76 7.38 -10.22
CA ALA C 160 22.39 8.40 -11.20
C ALA C 160 23.61 8.95 -11.92
N LEU C 161 24.71 9.16 -11.20
CA LEU C 161 25.94 9.62 -11.84
C LEU C 161 26.47 8.61 -12.84
N PHE C 162 26.42 7.34 -12.45
CA PHE C 162 26.85 6.26 -13.34
C PHE C 162 26.01 6.26 -14.60
N ASP C 163 24.69 6.33 -14.46
CA ASP C 163 23.83 6.36 -15.64
C ASP C 163 24.06 7.59 -16.49
N ASN C 165 26.90 9.39 -16.92
CA ASN C 165 28.12 9.24 -17.70
C ASN C 165 27.92 8.21 -18.80
N ARG C 166 27.14 7.17 -18.52
CA ARG C 166 26.82 6.16 -19.52
C ARG C 166 26.09 6.75 -20.72
N TYR C 167 24.98 7.45 -20.48
CA TYR C 167 24.25 8.04 -21.59
C TYR C 167 25.01 9.19 -22.24
N TYR C 168 25.84 9.91 -21.48
CA TYR C 168 26.68 10.94 -22.09
C TYR C 168 27.57 10.33 -23.17
N GLU C 169 28.22 9.21 -22.85
CA GLU C 169 29.12 8.61 -23.82
C GLU C 169 28.35 7.99 -24.98
N LYS C 170 27.21 7.34 -24.68
CA LYS C 170 26.39 6.81 -25.76
C LYS C 170 25.96 7.92 -26.72
N LEU C 171 25.53 9.07 -26.18
CA LEU C 171 25.16 10.18 -27.05
C LEU C 171 26.38 10.68 -27.84
N ARG C 172 27.49 10.90 -27.14
CA ARG C 172 28.67 11.47 -27.80
C ARG C 172 29.08 10.62 -29.00
N ALA C 173 29.00 9.30 -28.88
CA ALA C 173 29.40 8.44 -29.99
C ALA C 173 28.43 8.52 -31.16
N ARG C 174 27.14 8.76 -30.90
CA ARG C 174 26.14 8.74 -31.97
C ARG C 174 26.01 10.07 -32.68
N PRO C 176 27.14 13.34 -34.93
CA PRO C 176 28.16 13.71 -35.92
C PRO C 176 29.31 14.43 -35.24
N ALA C 177 30.53 14.04 -35.63
CA ALA C 177 31.74 14.57 -34.98
C ALA C 177 31.79 16.09 -34.97
N ASP C 178 31.25 16.74 -36.00
CA ASP C 178 31.31 18.19 -36.07
C ASP C 178 30.58 18.84 -34.91
N SER C 179 29.49 18.23 -34.45
CA SER C 179 28.64 18.77 -33.39
C SER C 179 29.03 18.29 -32.00
N ARG C 180 29.96 17.34 -31.90
CA ARG C 180 30.31 16.77 -30.60
C ARG C 180 30.75 17.84 -29.61
N GLN C 181 31.36 18.92 -30.08
CA GLN C 181 31.81 19.95 -29.16
C GLN C 181 30.66 20.66 -28.47
N THR C 182 29.49 20.73 -29.10
CA THR C 182 28.38 21.37 -28.42
C THR C 182 27.93 20.53 -27.23
N LEU C 183 28.06 19.20 -27.31
CA LEU C 183 27.77 18.37 -26.15
C LEU C 183 28.78 18.60 -25.03
N VAL C 184 30.06 18.63 -25.37
CA VAL C 184 31.10 18.85 -24.37
C VAL C 184 30.85 20.16 -23.63
N ALA C 185 30.61 21.24 -24.38
CA ALA C 185 30.44 22.55 -23.77
C ALA C 185 29.16 22.59 -22.93
N ALA C 186 28.05 22.07 -23.47
CA ALA C 186 26.82 22.11 -22.71
C ALA C 186 26.95 21.30 -21.43
N GLN C 187 27.57 20.13 -21.50
CA GLN C 187 27.68 19.26 -20.32
C GLN C 187 28.60 19.85 -19.27
N ARG C 188 29.70 20.48 -19.69
CA ARG C 188 30.60 21.10 -18.72
C ARG C 188 29.88 22.17 -17.91
N GLU C 189 29.05 22.98 -18.57
CA GLU C 189 28.36 24.04 -17.84
C GLU C 189 27.17 23.51 -17.06
N TRP C 190 26.51 22.45 -17.52
CA TRP C 190 25.50 21.84 -16.66
C TRP C 190 26.15 21.38 -15.35
N ALA C 191 27.31 20.76 -15.43
CA ALA C 191 27.94 20.20 -14.23
C ALA C 191 28.36 21.30 -13.27
N ALA C 192 28.81 22.43 -13.79
CA ALA C 192 29.11 23.56 -12.92
C ALA C 192 27.83 24.09 -12.25
N PHE C 193 26.72 24.12 -12.98
CA PHE C 193 25.46 24.50 -12.36
C PHE C 193 25.09 23.52 -11.25
N SER C 194 25.16 22.22 -11.54
CA SER C 194 24.88 21.21 -10.53
C SER C 194 25.76 21.38 -9.30
N ASP C 195 27.08 21.58 -9.51
CA ASP C 195 27.98 21.72 -8.37
C ASP C 195 27.60 22.94 -7.53
N ALA C 196 27.20 24.04 -8.19
CA ALA C 196 26.83 25.22 -7.42
C ALA C 196 25.57 24.97 -6.58
N THR C 198 24.69 22.03 -5.08
CA THR C 198 24.76 20.97 -4.07
C THR C 198 24.71 21.47 -2.63
N PRO C 199 25.40 22.55 -2.23
CA PRO C 199 25.32 22.99 -0.83
C PRO C 199 23.98 23.62 -0.47
N LEU C 200 23.11 23.89 -1.45
CA LEU C 200 21.90 24.66 -1.22
C LEU C 200 20.64 23.82 -1.13
N VAL C 201 20.68 22.56 -1.56
CA VAL C 201 19.49 21.73 -1.63
C VAL C 201 19.75 20.40 -0.93
N SER C 202 18.67 19.67 -0.67
CA SER C 202 18.76 18.40 0.01
C SER C 202 19.43 17.35 -0.89
N GLU C 203 19.86 16.27 -0.26
CA GLU C 203 20.44 15.16 -1.01
C GLU C 203 19.45 14.62 -2.04
N GLY C 204 18.17 14.58 -1.69
CA GLY C 204 17.16 14.11 -2.64
C GLY C 204 17.04 14.99 -3.87
N GLU C 205 17.11 16.31 -3.68
CA GLU C 205 17.08 17.21 -4.82
C GLU C 205 18.35 17.08 -5.66
N ARG C 206 19.50 16.85 -5.01
CA ARG C 206 20.75 16.62 -5.74
C ARG C 206 20.62 15.43 -6.70
N VAL C 207 20.12 14.31 -6.20
CA VAL C 207 19.93 13.14 -7.04
C VAL C 207 18.97 13.46 -8.19
N ASP C 208 17.90 14.22 -7.91
CA ASP C 208 16.91 14.51 -8.96
C ASP C 208 17.48 15.44 -10.03
N LEU C 209 18.39 16.34 -9.64
CA LEU C 209 19.11 17.13 -10.63
C LEU C 209 19.87 16.22 -11.58
N ILE C 210 20.59 15.24 -11.04
CA ILE C 210 21.33 14.33 -11.90
C ILE C 210 20.35 13.50 -12.72
N GLY C 211 19.30 12.99 -12.07
CA GLY C 211 18.35 12.14 -12.78
C GLY C 211 17.68 12.85 -13.95
N ALA C 212 17.39 14.15 -13.79
CA ALA C 212 16.82 14.91 -14.89
C ALA C 212 17.82 15.04 -16.04
N ARG C 213 19.11 15.24 -15.72
CA ARG C 213 20.12 15.28 -16.79
C ARG C 213 20.25 13.93 -17.47
N VAL C 214 20.16 12.84 -16.72
CA VAL C 214 20.19 11.49 -17.30
C VAL C 214 19.11 11.36 -18.37
N ALA C 215 17.88 11.74 -18.03
CA ALA C 215 16.74 11.59 -18.95
C ALA C 215 16.93 12.40 -20.23
N THR C 216 17.48 13.61 -20.10
CA THR C 216 17.75 14.41 -21.29
C THR C 216 18.77 13.73 -22.17
N LEU C 217 19.89 13.31 -21.58
CA LEU C 217 20.94 12.70 -22.38
C LEU C 217 20.44 11.41 -22.99
N LYS C 218 19.60 10.68 -22.27
CA LYS C 218 19.04 9.44 -22.81
C LYS C 218 18.16 9.73 -24.02
N ARG C 219 17.28 10.72 -23.89
CA ARG C 219 16.41 11.05 -25.01
C ARG C 219 17.23 11.49 -26.21
N PHE C 220 18.27 12.31 -25.97
CA PHE C 220 19.18 12.71 -27.05
C PHE C 220 19.78 11.48 -27.73
N SER C 221 20.30 10.54 -26.92
CA SER C 221 20.97 9.38 -27.49
C SER C 221 20.02 8.56 -28.34
N GLU C 222 18.73 8.60 -28.02
CA GLU C 222 17.71 7.91 -28.81
C GLU C 222 17.18 8.75 -29.97
N THR C 223 17.59 10.02 -30.06
CA THR C 223 17.06 10.92 -31.08
C THR C 223 18.04 11.26 -32.18
N VAL C 224 19.29 11.56 -31.83
CA VAL C 224 20.24 12.05 -32.82
C VAL C 224 20.48 10.99 -33.88
N ASN C 225 20.64 11.45 -35.12
CA ASN C 225 20.82 10.60 -36.29
C ASN C 225 22.12 11.02 -36.95
N ASN C 226 23.11 10.12 -36.97
CA ASN C 226 24.40 10.41 -37.58
C ASN C 226 24.37 10.28 -39.11
N ARG C 227 23.19 10.28 -39.71
CA ARG C 227 23.00 10.26 -41.17
C ARG C 227 23.70 9.09 -41.85
N SER D 21 -7.35 12.07 23.40
CA SER D 21 -7.85 10.73 23.13
C SER D 21 -7.22 9.68 24.07
N ALA D 23 -6.36 7.12 27.36
CA ALA D 23 -7.09 5.97 27.90
C ALA D 23 -7.92 6.38 29.11
N ASP D 24 -9.03 5.66 29.31
CA ASP D 24 -9.90 5.95 30.42
C ASP D 24 -9.18 5.66 31.75
N PRO D 25 -9.42 6.46 32.79
CA PRO D 25 -8.74 6.18 34.07
C PRO D 25 -9.00 4.77 34.61
N ILE D 26 -10.15 4.15 34.34
CA ILE D 26 -10.37 2.79 34.82
C ILE D 26 -9.37 1.82 34.19
N ASP D 27 -9.10 1.95 32.88
CA ASP D 27 -8.18 1.04 32.22
C ASP D 27 -6.74 1.34 32.61
N VAL D 28 -6.40 2.62 32.78
CA VAL D 28 -5.07 2.97 33.23
C VAL D 28 -4.79 2.33 34.60
N ALA D 29 -5.76 2.46 35.51
CA ALA D 29 -5.59 1.91 36.86
C ALA D 29 -5.49 0.39 36.84
N ARG D 31 -4.22 -1.38 34.45
CA ARG D 31 -2.85 -1.61 34.01
C ARG D 31 -1.87 -1.54 35.18
N GLN D 32 -1.98 -0.49 35.98
CA GLN D 32 -1.12 -0.36 37.15
C GLN D 32 -1.36 -1.49 38.14
N CYS D 33 -2.62 -1.88 38.33
CA CYS D 33 -2.97 -2.95 39.25
C CYS D 33 -2.30 -4.26 38.85
N LEU D 34 -2.31 -4.59 37.54
CA LEU D 34 -1.74 -5.84 37.05
C LEU D 34 -0.23 -5.90 37.26
N ALA D 35 0.42 -4.76 37.43
CA ALA D 35 1.84 -4.72 37.71
C ALA D 35 2.15 -4.74 39.20
N ARG D 36 1.14 -4.81 40.07
CA ARG D 36 1.41 -4.76 41.51
C ARG D 36 2.10 -6.03 41.98
N ARG D 37 3.03 -5.87 42.93
CA ARG D 37 3.73 -7.01 43.54
C ARG D 37 2.76 -7.97 44.19
N ASP D 38 1.70 -7.45 44.81
CA ASP D 38 0.75 -8.26 45.53
C ASP D 38 -0.38 -8.74 44.65
N ARG D 39 -0.27 -8.57 43.32
CA ARG D 39 -1.30 -9.04 42.38
C ARG D 39 -0.70 -9.90 41.28
N SER D 40 0.54 -10.38 41.45
CA SER D 40 1.24 -11.13 40.41
C SER D 40 0.65 -12.51 40.20
N SER D 41 0.01 -13.09 41.21
CA SER D 41 -0.61 -14.39 41.04
C SER D 41 -1.78 -14.30 40.07
N THR D 42 -2.22 -15.47 39.59
CA THR D 42 -3.38 -15.55 38.72
C THR D 42 -4.64 -15.03 39.41
N ALA D 43 -4.84 -15.37 40.68
CA ALA D 43 -5.96 -14.82 41.41
C ALA D 43 -5.86 -13.30 41.49
N GLY D 44 -4.64 -12.79 41.64
CA GLY D 44 -4.45 -11.35 41.70
C GLY D 44 -4.73 -10.66 40.38
N GLN D 45 -4.31 -11.27 39.27
CA GLN D 45 -4.62 -10.71 37.96
C GLN D 45 -6.12 -10.64 37.77
N ILE D 46 -6.82 -11.74 38.09
CA ILE D 46 -8.26 -11.77 37.92
C ILE D 46 -8.94 -10.74 38.82
N GLN D 47 -8.39 -10.51 40.02
CA GLN D 47 -8.99 -9.53 40.90
C GLN D 47 -8.87 -8.12 40.31
N CYS D 48 -7.73 -7.80 39.70
CA CYS D 48 -7.60 -6.53 38.99
C CYS D 48 -8.70 -6.39 37.95
N ASP D 50 -11.62 -7.94 37.81
CA ASP D 50 -12.95 -7.84 38.41
CA ASP D 50 -12.93 -7.86 38.46
C ASP D 50 -13.17 -6.47 39.03
N GLU D 51 -12.13 -5.83 39.56
CA GLU D 51 -12.25 -4.47 40.08
C GLU D 51 -12.51 -3.46 38.96
N ALA D 52 -11.83 -3.64 37.83
CA ALA D 52 -12.10 -2.81 36.67
C ALA D 52 -13.52 -2.99 36.19
N ARG D 53 -13.99 -4.24 36.17
CA ARG D 53 -15.36 -4.51 35.74
C ARG D 53 -16.35 -3.81 36.64
N GLN D 54 -16.09 -3.84 37.95
CA GLN D 54 -16.98 -3.15 38.89
C GLN D 54 -16.98 -1.65 38.64
N GLN D 55 -15.82 -1.09 38.36
CA GLN D 55 -15.80 0.34 38.05
C GLN D 55 -16.53 0.63 36.74
N TRP D 56 -16.32 -0.21 35.71
CA TRP D 56 -17.06 0.00 34.48
C TRP D 56 -18.56 -0.11 34.71
N GLN D 57 -18.98 -1.02 35.59
CA GLN D 57 -20.40 -1.12 35.90
C GLN D 57 -20.92 0.17 36.53
N GLY D 58 -20.11 0.81 37.37
CA GLY D 58 -20.51 2.10 37.90
C GLY D 58 -20.68 3.14 36.82
N GLU D 59 -19.84 3.07 35.79
CA GLU D 59 -19.95 4.00 34.68
C GLU D 59 -21.15 3.68 33.79
N VAL D 60 -21.53 2.40 33.68
CA VAL D 60 -22.78 2.07 33.01
C VAL D 60 -23.94 2.77 33.69
N ASP D 61 -23.99 2.66 35.02
CA ASP D 61 -25.10 3.25 35.77
C ASP D 61 -25.10 4.76 35.69
N ALA D 62 -23.92 5.39 35.74
CA ALA D 62 -23.88 6.85 35.67
C ALA D 62 -24.21 7.34 34.28
N ALA D 63 -23.65 6.71 33.24
CA ALA D 63 -23.93 7.14 31.89
C ALA D 63 -25.41 6.97 31.56
N TYR D 64 -26.01 5.85 32.00
CA TYR D 64 -27.45 5.65 31.80
C TYR D 64 -28.26 6.73 32.50
N GLN D 65 -27.82 7.18 33.68
CA GLN D 65 -28.58 8.21 34.37
C GLN D 65 -28.45 9.56 33.67
N ARG D 66 -27.24 9.92 33.25
CA ARG D 66 -27.05 11.12 32.44
C ARG D 66 -27.94 11.08 31.21
N LEU D 67 -27.93 9.95 30.51
CA LEU D 67 -28.68 9.81 29.27
C LEU D 67 -30.17 9.97 29.51
N VAL D 68 -30.68 9.35 30.58
CA VAL D 68 -32.11 9.43 30.86
C VAL D 68 -32.51 10.87 31.15
N LYS D 69 -31.61 11.65 31.75
CA LYS D 69 -31.93 13.03 32.10
C LYS D 69 -31.80 13.98 30.92
N THR D 70 -30.90 13.74 29.96
CA THR D 70 -30.65 14.74 28.92
C THR D 70 -31.26 14.39 27.57
N ALA D 71 -31.66 13.16 27.34
CA ALA D 71 -32.12 12.79 26.01
C ALA D 71 -33.53 13.29 25.77
N PRO D 72 -33.89 13.54 24.50
CA PRO D 72 -35.28 13.82 24.14
C PRO D 72 -36.19 12.63 24.41
N ALA D 73 -37.49 12.90 24.41
CA ALA D 73 -38.49 11.95 24.90
C ALA D 73 -38.43 10.61 24.16
N ASP D 74 -38.35 10.66 22.83
CA ASP D 74 -38.31 9.42 22.04
C ASP D 74 -37.05 8.62 22.33
N ALA D 75 -35.91 9.29 22.36
CA ALA D 75 -34.65 8.59 22.62
C ALA D 75 -34.62 8.02 24.02
N ARG D 76 -35.21 8.74 24.99
CA ARG D 76 -35.23 8.27 26.37
C ARG D 76 -35.96 6.93 26.46
N ARG D 77 -37.17 6.84 25.90
CA ARG D 77 -37.91 5.59 25.95
C ARG D 77 -37.15 4.47 25.26
N GLY D 78 -36.53 4.79 24.12
CA GLY D 78 -35.72 3.80 23.43
C GLY D 78 -34.54 3.32 24.25
N TRP D 79 -33.79 4.25 24.85
CA TRP D 79 -32.62 3.82 25.62
C TRP D 79 -33.04 3.07 26.87
N GLN D 80 -34.14 3.49 27.50
CA GLN D 80 -34.67 2.76 28.64
C GLN D 80 -35.04 1.33 28.27
N GLU D 81 -35.66 1.16 27.10
CA GLU D 81 -35.98 -0.19 26.69
C GLU D 81 -34.72 -1.00 26.41
N SER D 82 -33.74 -0.39 25.73
CA SER D 82 -32.50 -1.10 25.44
C SER D 82 -31.79 -1.52 26.73
N GLN D 83 -31.85 -0.67 27.75
CA GLN D 83 -31.17 -0.99 28.99
C GLN D 83 -31.89 -2.12 29.72
N ARG D 84 -33.22 -2.13 29.68
CA ARG D 84 -33.97 -3.26 30.23
C ARG D 84 -33.59 -4.56 29.54
N ARG D 85 -33.50 -4.53 28.21
CA ARG D 85 -33.16 -5.73 27.48
C ARG D 85 -31.71 -6.10 27.68
N TRP D 86 -30.82 -5.11 27.79
CA TRP D 86 -29.42 -5.40 28.08
C TRP D 86 -29.28 -6.13 29.40
N LEU D 87 -29.94 -5.62 30.44
CA LEU D 87 -29.85 -6.26 31.75
C LEU D 87 -30.38 -7.69 31.71
N ALA D 88 -31.50 -7.90 31.02
CA ALA D 88 -32.03 -9.26 30.92
C ALA D 88 -31.06 -10.17 30.19
N TRP D 89 -30.40 -9.69 29.13
CA TRP D 89 -29.41 -10.50 28.42
C TRP D 89 -28.21 -10.82 29.32
N ARG D 90 -27.67 -9.81 30.01
CA ARG D 90 -26.52 -10.06 30.88
C ARG D 90 -26.83 -11.12 31.92
N LYS D 91 -28.06 -11.12 32.45
CA LYS D 91 -28.44 -12.12 33.45
C LYS D 91 -28.31 -13.54 32.92
N ASP D 92 -28.83 -13.79 31.70
CA ASP D 92 -28.74 -15.14 31.17
C ASP D 92 -27.39 -15.43 30.55
N GLU D 93 -26.69 -14.41 30.06
CA GLU D 93 -25.36 -14.63 29.50
C GLU D 93 -24.41 -15.15 30.58
N ALA D 94 -24.60 -14.75 31.84
CA ALA D 94 -23.78 -15.30 32.92
C ALA D 94 -23.92 -16.81 33.00
N HIS D 95 -25.15 -17.33 32.80
CA HIS D 95 -25.34 -18.78 32.83
C HIS D 95 -24.63 -19.45 31.66
N LEU D 96 -24.63 -18.81 30.50
CA LEU D 96 -23.94 -19.38 29.33
C LEU D 96 -22.43 -19.38 29.56
N VAL D 97 -21.91 -18.28 30.11
CA VAL D 97 -20.47 -18.22 30.40
C VAL D 97 -20.09 -19.33 31.36
N ARG D 98 -20.88 -19.50 32.43
CA ARG D 98 -20.57 -20.54 33.40
C ARG D 98 -20.63 -21.92 32.78
N ALA D 99 -21.65 -22.19 31.98
CA ALA D 99 -21.78 -23.51 31.34
C ALA D 99 -20.61 -23.77 30.39
N VAL D 100 -20.11 -22.74 29.72
CA VAL D 100 -18.98 -22.95 28.82
C VAL D 100 -17.71 -23.22 29.62
N TYR D 101 -17.41 -22.37 30.59
CA TYR D 101 -16.12 -22.49 31.26
C TYR D 101 -16.11 -23.54 32.37
N GLU D 102 -17.27 -24.02 32.79
CA GLU D 102 -17.32 -25.14 33.73
C GLU D 102 -16.61 -26.37 33.16
N THR D 103 -16.55 -26.47 31.83
CA THR D 103 -15.97 -27.64 31.17
C THR D 103 -14.47 -27.51 30.93
N THR D 104 -13.85 -26.44 31.40
CA THR D 104 -12.43 -26.15 31.18
C THR D 104 -11.62 -26.29 32.45
N GLN D 105 -10.29 -26.33 32.29
CA GLN D 105 -9.35 -26.36 33.39
C GLN D 105 -8.14 -25.51 33.05
N GLY D 106 -7.62 -24.81 34.04
CA GLY D 106 -6.37 -24.09 33.87
C GLY D 106 -6.58 -22.58 33.89
N THR D 107 -5.51 -21.87 34.23
CA THR D 107 -5.62 -20.43 34.39
C THR D 107 -5.72 -19.71 33.05
N TYR D 109 -7.87 -20.52 30.73
CA TYR D 109 -9.33 -20.38 30.61
C TYR D 109 -9.91 -19.51 31.73
N ALA D 110 -9.35 -19.58 32.95
CA ALA D 110 -9.88 -18.70 34.00
C ALA D 110 -9.71 -17.24 33.64
N ALA D 112 -9.47 -16.02 30.52
CA ALA D 112 -10.37 -15.76 29.42
C ALA D 112 -11.78 -15.48 29.93
N SER D 113 -12.23 -16.26 30.91
CA SER D 113 -13.54 -16.07 31.49
C SER D 113 -13.67 -14.70 32.14
N ALA D 114 -12.64 -14.28 32.89
CA ALA D 114 -12.65 -12.97 33.51
C ALA D 114 -12.70 -11.87 32.46
N ASP D 115 -11.95 -12.01 31.37
CA ASP D 115 -12.03 -11.00 30.34
C ASP D 115 -13.41 -11.00 29.68
N ARG D 117 -16.14 -11.46 31.21
CA ARG D 117 -17.04 -10.75 32.10
C ARG D 117 -16.79 -9.25 32.06
N LEU D 118 -15.55 -8.84 31.81
CA LEU D 118 -15.15 -7.43 31.81
C LEU D 118 -15.57 -6.68 30.55
N GLN D 119 -15.25 -7.20 29.36
CA GLN D 119 -15.40 -6.39 28.15
C GLN D 119 -16.84 -5.95 27.85
N PRO D 120 -17.88 -6.77 28.04
CA PRO D 120 -19.23 -6.29 27.69
C PRO D 120 -19.69 -5.15 28.58
N VAL D 121 -19.26 -5.15 29.84
CA VAL D 121 -19.62 -4.05 30.73
C VAL D 121 -18.91 -2.79 30.28
N ARG D 122 -17.62 -2.89 29.97
CA ARG D 122 -16.91 -1.78 29.37
C ARG D 122 -17.63 -1.28 28.10
N GLU D 123 -17.96 -2.21 27.19
CA GLU D 123 -18.59 -1.82 25.93
C GLU D 123 -19.91 -1.08 26.17
N ARG D 124 -20.74 -1.58 27.08
CA ARG D 124 -22.01 -0.93 27.34
C ARG D 124 -21.81 0.49 27.89
N ALA D 125 -20.85 0.66 28.81
CA ALA D 125 -20.59 1.99 29.36
C ALA D 125 -20.20 2.98 28.27
N LEU D 126 -19.30 2.57 27.36
CA LEU D 126 -18.81 3.47 26.34
C LEU D 126 -19.92 3.84 25.36
N ALA D 127 -20.80 2.89 25.06
CA ALA D 127 -21.93 3.19 24.20
C ALA D 127 -22.88 4.17 24.86
N LEU D 128 -23.16 3.99 26.15
CA LEU D 128 -24.02 4.93 26.86
C LEU D 128 -23.37 6.31 26.95
N ARG D 129 -22.06 6.35 27.20
CA ARG D 129 -21.35 7.62 27.27
C ARG D 129 -21.39 8.36 25.96
N GLY D 130 -21.13 7.66 24.86
CA GLY D 130 -21.11 8.30 23.56
C GLY D 130 -22.45 8.96 23.23
N ALA D 131 -23.55 8.27 23.51
CA ALA D 131 -24.86 8.83 23.24
C ALA D 131 -25.15 10.04 24.10
N ALA D 132 -24.96 9.92 25.43
CA ALA D 132 -25.21 11.03 26.33
C ALA D 132 -24.36 12.24 26.00
N ASP D 133 -23.15 12.02 25.48
CA ASP D 133 -22.31 13.14 25.05
C ASP D 133 -22.86 13.81 23.81
N ARG D 134 -23.44 13.04 22.90
CA ARG D 134 -24.09 13.65 21.73
C ARG D 134 -25.35 14.41 22.12
N TYR D 135 -26.12 13.86 23.07
CA TYR D 135 -27.37 14.49 23.48
C TYR D 135 -27.16 15.70 24.37
N ALA D 136 -25.97 15.84 24.98
CA ALA D 136 -25.72 16.91 25.94
C ALA D 136 -25.45 18.25 25.26
N GLN D 137 -24.99 18.26 24.02
CA GLN D 137 -24.66 19.49 23.32
C GLN D 137 -25.83 20.14 22.57
N GLY D 141 -29.01 16.06 20.09
CA GLY D 141 -30.37 15.60 20.27
C GLY D 141 -31.12 15.37 18.98
N LYS D 142 -30.69 16.07 17.92
CA LYS D 142 -31.36 15.97 16.63
C LYS D 142 -31.15 14.59 16.01
N GLY D 143 -32.17 14.09 15.31
CA GLY D 143 -32.05 12.80 14.65
C GLY D 143 -31.79 11.64 15.58
N ALA D 144 -32.21 11.74 16.84
CA ALA D 144 -31.86 10.72 17.82
C ALA D 144 -32.40 9.35 17.41
N VAL D 145 -33.64 9.27 16.94
CA VAL D 145 -34.25 8.03 16.48
C VAL D 145 -34.43 8.10 14.98
N HIS D 146 -34.05 7.03 14.28
CA HIS D 146 -34.19 6.93 12.84
C HIS D 146 -34.85 5.59 12.49
N ARG D 147 -35.35 5.52 11.26
CA ARG D 147 -36.02 4.31 10.79
C ARG D 147 -35.02 3.19 10.59
N VAL D 148 -35.47 1.96 10.80
CA VAL D 148 -34.61 0.78 10.74
C VAL D 148 -34.74 0.17 9.36
N ARG D 149 -33.64 0.20 8.60
CA ARG D 149 -33.58 -0.45 7.31
C ARG D 149 -33.29 -1.93 7.50
N PRO D 150 -33.80 -2.78 6.62
CA PRO D 150 -33.54 -4.21 6.75
C PRO D 150 -32.04 -4.48 6.69
N CYS D 151 -31.60 -5.43 7.52
CA CYS D 151 -30.21 -5.81 7.59
C CYS D 151 -29.69 -6.29 6.22
N ARG D 153 -30.19 -5.07 3.27
CA ARG D 153 -29.75 -3.99 2.38
C ARG D 153 -28.26 -3.73 2.48
N ASP D 154 -27.67 -4.00 3.64
CA ASP D 154 -26.29 -3.66 3.95
C ASP D 154 -25.46 -4.93 3.99
N ALA D 155 -24.58 -5.11 2.99
CA ALA D 155 -23.75 -6.31 2.95
C ALA D 155 -22.94 -6.49 4.23
N ALA D 156 -22.50 -5.40 4.87
CA ALA D 156 -21.77 -5.54 6.14
C ALA D 156 -22.65 -6.17 7.21
N CYS D 157 -23.91 -5.75 7.30
CA CYS D 157 -24.81 -6.34 8.28
C CYS D 157 -25.14 -7.80 7.92
N GLU D 158 -25.32 -8.09 6.63
CA GLU D 158 -25.63 -9.46 6.21
C GLU D 158 -24.46 -10.39 6.47
N HIS D 159 -23.23 -9.95 6.15
CA HIS D 159 -22.06 -10.79 6.40
C HIS D 159 -21.88 -11.09 7.89
N ALA D 160 -22.11 -10.09 8.74
CA ALA D 160 -21.98 -10.32 10.17
C ALA D 160 -23.07 -11.26 10.69
N LEU D 161 -24.29 -11.09 10.19
CA LEU D 161 -25.38 -11.98 10.58
C LEU D 161 -25.08 -13.40 10.17
N PHE D 162 -24.58 -13.59 8.95
CA PHE D 162 -24.22 -14.91 8.47
C PHE D 162 -23.16 -15.55 9.35
N ASP D 163 -22.11 -14.78 9.69
CA ASP D 163 -21.07 -15.30 10.55
C ASP D 163 -21.62 -15.65 11.92
N ASN D 165 -24.74 -16.59 12.88
CA ASN D 165 -25.54 -17.82 12.89
C ASN D 165 -24.66 -19.05 12.66
N ARG D 166 -23.62 -18.90 11.86
CA ARG D 166 -22.65 -19.97 11.67
C ARG D 166 -21.99 -20.36 13.00
N TYR D 167 -21.39 -19.40 13.70
CA TYR D 167 -20.74 -19.77 14.97
C TYR D 167 -21.76 -20.15 16.03
N TYR D 168 -22.96 -19.57 15.99
CA TYR D 168 -24.00 -20.04 16.91
C TYR D 168 -24.26 -21.53 16.74
N GLU D 169 -24.37 -21.98 15.48
CA GLU D 169 -24.65 -23.40 15.25
C GLU D 169 -23.46 -24.28 15.58
N LYS D 170 -22.25 -23.85 15.24
CA LYS D 170 -21.06 -24.60 15.63
C LYS D 170 -21.01 -24.76 17.15
N LEU D 171 -21.27 -23.67 17.89
CA LEU D 171 -21.28 -23.75 19.35
C LEU D 171 -22.40 -24.65 19.84
N ARG D 172 -23.62 -24.46 19.32
CA ARG D 172 -24.76 -25.22 19.80
C ARG D 172 -24.50 -26.72 19.68
N ALA D 173 -23.93 -27.16 18.56
CA ALA D 173 -23.68 -28.59 18.40
C ALA D 173 -22.58 -29.08 19.32
N ARG D 174 -21.64 -28.21 19.70
CA ARG D 174 -20.49 -28.64 20.49
C ARG D 174 -20.76 -28.64 21.99
N PRO D 176 -22.46 -29.42 25.75
CA PRO D 176 -23.14 -30.51 26.46
C PRO D 176 -24.64 -30.30 26.38
N ALA D 177 -25.36 -31.39 26.09
CA ALA D 177 -26.79 -31.31 25.89
C ALA D 177 -27.52 -30.66 27.07
N ASP D 178 -26.99 -30.85 28.28
CA ASP D 178 -27.65 -30.30 29.46
C ASP D 178 -27.69 -28.78 29.43
N SER D 179 -26.61 -28.15 28.97
CA SER D 179 -26.47 -26.70 28.99
C SER D 179 -27.00 -26.01 27.74
N ARG D 180 -27.38 -26.79 26.73
CA ARG D 180 -27.78 -26.24 25.44
C ARG D 180 -28.88 -25.19 25.56
N GLN D 181 -29.78 -25.33 26.53
CA GLN D 181 -30.84 -24.33 26.67
C GLN D 181 -30.34 -22.99 27.16
N THR D 182 -29.23 -22.96 27.88
CA THR D 182 -28.69 -21.69 28.31
C THR D 182 -28.18 -20.86 27.13
N LEU D 183 -27.68 -21.52 26.08
CA LEU D 183 -27.31 -20.80 24.86
C LEU D 183 -28.54 -20.25 24.16
N VAL D 184 -29.58 -21.07 24.01
CA VAL D 184 -30.80 -20.63 23.36
C VAL D 184 -31.35 -19.39 24.06
N ALA D 185 -31.44 -19.44 25.38
CA ALA D 185 -32.04 -18.34 26.13
C ALA D 185 -31.18 -17.07 26.06
N ALA D 186 -29.87 -17.20 26.27
CA ALA D 186 -29.01 -16.01 26.27
C ALA D 186 -29.01 -15.35 24.89
N GLN D 187 -28.95 -16.15 23.82
CA GLN D 187 -28.90 -15.57 22.48
C GLN D 187 -30.20 -14.88 22.13
N ARG D 188 -31.33 -15.46 22.53
CA ARG D 188 -32.63 -14.86 22.26
C ARG D 188 -32.73 -13.48 22.89
N GLU D 189 -32.25 -13.33 24.13
CA GLU D 189 -32.33 -12.04 24.79
C GLU D 189 -31.26 -11.08 24.28
N TRP D 190 -30.09 -11.59 23.87
CA TRP D 190 -29.15 -10.71 23.18
C TRP D 190 -29.79 -10.12 21.93
N ALA D 191 -30.50 -10.94 21.16
CA ALA D 191 -31.07 -10.47 19.91
C ALA D 191 -32.15 -9.43 20.16
N ALA D 192 -32.94 -9.60 21.22
CA ALA D 192 -33.90 -8.58 21.60
C ALA D 192 -33.20 -7.30 22.03
N PHE D 193 -32.08 -7.43 22.73
CA PHE D 193 -31.27 -6.25 23.06
C PHE D 193 -30.75 -5.59 21.78
N SER D 194 -30.22 -6.41 20.86
CA SER D 194 -29.73 -5.87 19.61
C SER D 194 -30.83 -5.10 18.87
N ASP D 195 -32.04 -5.68 18.79
CA ASP D 195 -33.13 -5.02 18.07
C ASP D 195 -33.49 -3.69 18.71
N ALA D 196 -33.45 -3.60 20.05
CA ALA D 196 -33.82 -2.35 20.70
C ALA D 196 -32.82 -1.25 20.39
N THR D 198 -31.02 -0.84 17.47
CA THR D 198 -30.92 -0.46 16.06
C THR D 198 -31.47 0.93 15.76
N PRO D 199 -32.58 1.40 16.31
CA PRO D 199 -33.05 2.75 15.98
C PRO D 199 -32.20 3.85 16.61
N LEU D 200 -31.32 3.53 17.55
CA LEU D 200 -30.60 4.50 18.37
C LEU D 200 -29.16 4.72 17.98
N VAL D 201 -28.58 3.87 17.13
CA VAL D 201 -27.17 3.95 16.79
C VAL D 201 -27.03 3.92 15.28
N SER D 202 -25.83 4.27 14.80
CA SER D 202 -25.58 4.27 13.37
C SER D 202 -25.58 2.84 12.82
N GLU D 203 -25.71 2.74 11.49
CA GLU D 203 -25.61 1.45 10.83
C GLU D 203 -24.27 0.78 11.13
N GLY D 204 -23.20 1.57 11.19
CA GLY D 204 -21.89 1.01 11.52
C GLY D 204 -21.85 0.41 12.91
N GLU D 205 -22.47 1.10 13.89
CA GLU D 205 -22.51 0.55 15.24
C GLU D 205 -23.38 -0.68 15.31
N ARG D 206 -24.47 -0.70 14.53
CA ARG D 206 -25.31 -1.89 14.45
C ARG D 206 -24.52 -3.10 13.98
N VAL D 207 -23.72 -2.93 12.93
CA VAL D 207 -22.88 -4.02 12.44
C VAL D 207 -21.91 -4.46 13.52
N ASP D 208 -21.32 -3.50 14.25
CA ASP D 208 -20.32 -3.85 15.27
C ASP D 208 -20.96 -4.57 16.46
N LEU D 209 -22.21 -4.24 16.80
CA LEU D 209 -22.94 -5.01 17.79
C LEU D 209 -23.00 -6.48 17.38
N ILE D 210 -23.34 -6.75 16.12
CA ILE D 210 -23.38 -8.13 15.66
C ILE D 210 -21.98 -8.72 15.68
N GLY D 211 -20.99 -7.96 15.17
CA GLY D 211 -19.63 -8.47 15.10
C GLY D 211 -19.08 -8.83 16.47
N ALA D 212 -19.43 -8.04 17.49
CA ALA D 212 -19.01 -8.39 18.85
C ALA D 212 -19.65 -9.71 19.29
N ARG D 213 -20.90 -9.93 18.93
CA ARG D 213 -21.53 -11.20 19.30
C ARG D 213 -20.89 -12.37 18.56
N VAL D 214 -20.53 -12.17 17.30
CA VAL D 214 -19.82 -13.21 16.55
C VAL D 214 -18.56 -13.64 17.31
N ALA D 215 -17.76 -12.66 17.76
CA ALA D 215 -16.49 -12.96 18.41
C ALA D 215 -16.70 -13.76 19.70
N THR D 216 -17.71 -13.41 20.48
CA THR D 216 -18.04 -14.17 21.68
C THR D 216 -18.41 -15.60 21.34
N LEU D 217 -19.33 -15.77 20.38
CA LEU D 217 -19.79 -17.11 20.01
C LEU D 217 -18.66 -17.93 19.41
N LYS D 218 -17.79 -17.28 18.64
CA LYS D 218 -16.64 -17.97 18.07
C LYS D 218 -15.72 -18.48 19.17
N ARG D 219 -15.44 -17.63 20.16
CA ARG D 219 -14.58 -18.05 21.26
C ARG D 219 -15.21 -19.18 22.04
N PHE D 220 -16.52 -19.07 22.32
CA PHE D 220 -17.24 -20.15 22.98
C PHE D 220 -17.10 -21.45 22.22
N SER D 221 -17.31 -21.41 20.90
CA SER D 221 -17.26 -22.63 20.09
C SER D 221 -15.87 -23.26 20.14
N GLU D 222 -14.83 -22.47 20.36
CA GLU D 222 -13.47 -22.97 20.52
C GLU D 222 -13.11 -23.35 21.95
N THR D 223 -13.99 -23.08 22.91
CA THR D 223 -13.67 -23.25 24.32
C THR D 223 -14.41 -24.40 24.95
N VAL D 224 -15.71 -24.53 24.66
CA VAL D 224 -16.53 -25.51 25.33
C VAL D 224 -15.99 -26.91 25.03
N ASN D 225 -16.05 -27.78 26.03
CA ASN D 225 -15.45 -29.11 25.94
C ASN D 225 -16.52 -30.15 26.26
N ASN D 226 -16.93 -30.89 25.24
CA ASN D 226 -17.93 -31.95 25.41
C ASN D 226 -17.28 -33.21 25.95
#